data_2XRO
#
_entry.id   2XRO
#
_cell.length_a   89.584
_cell.length_b   89.584
_cell.length_c   416.747
_cell.angle_alpha   90.00
_cell.angle_beta   90.00
_cell.angle_gamma   120.00
#
_symmetry.space_group_name_H-M   'P 65'
#
loop_
_entity.id
_entity.type
_entity.pdbx_description
1 polymer 'HTH-TYPE TRANSCRIPTIONAL REGULATOR TTGV'
2 polymer 'TTGV OPERATOR DNA'
3 polymer 'TTGV OPERATOR DNA'
4 non-polymer 'OSMIUM ION'
#
loop_
_entity_poly.entity_id
_entity_poly.type
_entity_poly.pdbx_seq_one_letter_code
_entity_poly.pdbx_strand_id
1 'polypeptide(L)'
;SIQVIARAASIMRALGSHPHGLSLAAIAQLVGLPRSTVQRIINALEEEFLVEALGPAGGFRLGPALGQLINQAQTDILSL
VKPYLRSLAEELDESVSLASLAGDKIYVLDRIVSERELRVVFPIGINVPAAATAAGKVLLAALPDETLQAALGEQLPVLT
SNTLGRKALVKQLSEVRQSGVASDLDEHIDGVSSFATLLDTYLGYYSLAIVMPSSRASKQSDLIKKALLQSKLNIERAIG
R
;
A,B,E,F
2 'polydeoxyribonucleotide'
;(DG)(DA)(DG)(DT)(DA)(DT)(DC)(DA)(DC)(DA)(DT)(DA)(DA)(DT)(DG)(DC)(DT)(DA)(DC)(DA)
(DC)(DT)(DC)(DT)(DA)(DC)(DC)(DG)(DC)(DA)(DT)(DT)(DA)(DC)(DG)(DA)(DT)(DT)(DC)(DA)
(DG)(DC)
;
X
3 'polydeoxyribonucleotide'
;(DG)(DC)(DT)(DG)(DA)(DA)(DT)(DC)(DG)(DT)(DA)(DA)(DT)(DG)(DC)(DG)(DG)(DT)(DA)(DG)
(DA)(DG)(DT)(DG)(DT)(DA)(DG)(DC)(DA)(DT)(DT)(DA)(DT)(DG)(DT)(DG)(DA)(DT)(DA)(DC)
(DT)(DC)(DT)
;
Y
#
# COMPACT_ATOMS: atom_id res chain seq x y z
N GLN A 3 -20.14 12.03 36.10
CA GLN A 3 -20.54 10.69 36.53
C GLN A 3 -20.98 9.69 35.42
N VAL A 4 -21.19 10.16 34.20
CA VAL A 4 -21.33 9.24 33.06
C VAL A 4 -19.96 9.16 32.46
N ILE A 5 -19.22 10.25 32.66
CA ILE A 5 -17.83 10.34 32.31
C ILE A 5 -17.11 9.08 32.74
N ALA A 6 -17.37 8.63 33.97
CA ALA A 6 -16.75 7.41 34.47
C ALA A 6 -16.91 6.30 33.44
N ARG A 7 -18.14 6.15 32.93
CA ARG A 7 -18.44 5.15 31.92
C ARG A 7 -17.60 5.38 30.65
N ALA A 8 -17.77 6.53 30.04
CA ALA A 8 -17.00 6.86 28.84
C ALA A 8 -15.55 6.42 29.01
N ALA A 9 -14.97 6.73 30.17
CA ALA A 9 -13.56 6.44 30.39
C ALA A 9 -13.27 4.95 30.55
N SER A 10 -14.11 4.23 31.29
CA SER A 10 -13.94 2.79 31.39
C SER A 10 -13.95 2.19 29.98
N ILE A 11 -14.77 2.79 29.12
CA ILE A 11 -14.80 2.43 27.71
C ILE A 11 -13.46 2.73 27.05
N MET A 12 -12.95 3.94 27.25
CA MET A 12 -11.65 4.36 26.74
C MET A 12 -10.62 3.29 27.05
N ARG A 13 -10.33 3.15 28.34
CA ARG A 13 -9.42 2.12 28.81
C ARG A 13 -9.67 0.82 28.08
N ALA A 14 -10.90 0.34 28.08
CA ALA A 14 -11.22 -0.90 27.39
C ALA A 14 -10.59 -0.92 25.99
N LEU A 15 -10.89 0.11 25.21
CA LEU A 15 -10.38 0.19 23.85
C LEU A 15 -8.87 0.12 23.87
N GLY A 16 -8.27 0.96 24.70
CA GLY A 16 -6.82 1.00 24.83
C GLY A 16 -6.21 -0.36 25.04
N SER A 17 -6.79 -1.14 25.94
CA SER A 17 -6.26 -2.46 26.29
C SER A 17 -6.23 -3.43 25.10
N HIS A 18 -7.04 -3.14 24.09
CA HIS A 18 -7.09 -3.97 22.89
C HIS A 18 -6.83 -3.12 21.64
N PRO A 19 -5.56 -2.79 21.40
CA PRO A 19 -5.23 -1.78 20.39
C PRO A 19 -5.76 -2.16 19.01
N HIS A 20 -6.04 -3.44 18.82
CA HIS A 20 -6.44 -3.92 17.49
C HIS A 20 -7.90 -3.59 17.19
N GLY A 21 -8.69 -3.29 18.22
CA GLY A 21 -10.03 -2.80 18.01
C GLY A 21 -11.15 -3.66 18.56
N LEU A 22 -12.22 -3.01 18.98
CA LEU A 22 -13.38 -3.70 19.54
C LEU A 22 -14.69 -3.29 18.86
N SER A 23 -15.74 -4.06 19.15
CA SER A 23 -17.07 -3.77 18.65
C SER A 23 -17.96 -3.37 19.81
N LEU A 24 -18.97 -2.57 19.52
CA LEU A 24 -19.94 -2.18 20.53
C LEU A 24 -20.25 -3.40 21.37
N ALA A 25 -20.56 -4.51 20.70
CA ALA A 25 -20.78 -5.78 21.38
C ALA A 25 -19.65 -6.11 22.39
N ALA A 26 -18.44 -6.28 21.86
CA ALA A 26 -17.30 -6.66 22.68
C ALA A 26 -17.01 -5.66 23.80
N ILE A 27 -17.12 -4.37 23.48
CA ILE A 27 -16.83 -3.32 24.44
C ILE A 27 -17.82 -3.44 25.58
N ALA A 28 -19.09 -3.48 25.21
CA ALA A 28 -20.20 -3.57 26.12
C ALA A 28 -20.13 -4.84 26.98
N GLN A 29 -19.49 -5.88 26.47
CA GLN A 29 -19.27 -7.06 27.29
C GLN A 29 -18.08 -6.87 28.23
N LEU A 30 -17.09 -6.09 27.81
CA LEU A 30 -15.90 -5.88 28.64
C LEU A 30 -16.17 -4.97 29.82
N VAL A 31 -16.97 -3.94 29.59
CA VAL A 31 -17.50 -3.13 30.67
C VAL A 31 -18.95 -3.58 30.87
N GLY A 32 -19.46 -3.47 32.09
CA GLY A 32 -20.77 -4.01 32.38
C GLY A 32 -21.94 -3.21 31.85
N LEU A 33 -21.77 -2.62 30.67
CA LEU A 33 -22.81 -1.74 30.14
C LEU A 33 -23.60 -2.36 28.99
N PRO A 34 -24.83 -1.87 28.79
CA PRO A 34 -25.74 -2.29 27.72
C PRO A 34 -25.28 -1.78 26.35
N ARG A 35 -25.47 -2.58 25.30
CA ARG A 35 -25.02 -2.18 23.97
C ARG A 35 -25.50 -0.79 23.55
N SER A 36 -26.74 -0.46 23.87
CA SER A 36 -27.31 0.82 23.44
C SER A 36 -26.56 1.97 24.10
N THR A 37 -26.24 1.80 25.38
CA THR A 37 -25.53 2.82 26.13
C THR A 37 -24.15 3.00 25.51
N VAL A 38 -23.40 1.90 25.43
CA VAL A 38 -22.12 1.92 24.75
C VAL A 38 -22.24 2.74 23.47
N GLN A 39 -23.08 2.27 22.56
CA GLN A 39 -23.44 3.02 21.36
C GLN A 39 -23.49 4.55 21.51
N ARG A 40 -24.33 5.02 22.43
CA ARG A 40 -24.49 6.47 22.60
C ARG A 40 -23.18 7.10 23.03
N ILE A 41 -22.41 6.39 23.85
CA ILE A 41 -21.17 6.94 24.38
C ILE A 41 -20.08 7.01 23.33
N ILE A 42 -19.87 5.89 22.66
CA ILE A 42 -18.98 5.80 21.53
C ILE A 42 -19.23 6.96 20.57
N ASN A 43 -20.46 7.14 20.10
CA ASN A 43 -20.74 8.29 19.25
C ASN A 43 -20.40 9.61 19.94
N ALA A 44 -20.74 9.72 21.21
CA ALA A 44 -20.47 10.93 21.96
C ALA A 44 -18.98 11.27 21.94
N LEU A 45 -18.14 10.25 21.77
CA LEU A 45 -16.70 10.44 21.77
C LEU A 45 -16.14 10.64 20.36
N GLU A 46 -16.67 9.86 19.42
CA GLU A 46 -16.33 9.96 18.01
C GLU A 46 -16.63 11.37 17.54
N GLU A 47 -17.53 12.03 18.26
CA GLU A 47 -17.86 13.41 17.98
C GLU A 47 -16.65 14.29 18.25
N GLU A 48 -15.77 13.79 19.12
CA GLU A 48 -14.61 14.57 19.55
C GLU A 48 -13.31 13.92 19.13
N PHE A 49 -13.37 13.01 18.17
CA PHE A 49 -12.17 12.32 17.73
C PHE A 49 -11.45 11.65 18.90
N LEU A 50 -12.19 11.32 19.95
CA LEU A 50 -11.64 10.60 21.08
C LEU A 50 -11.68 9.11 20.79
N VAL A 51 -12.43 8.74 19.76
CA VAL A 51 -12.42 7.39 19.21
C VAL A 51 -12.64 7.44 17.72
N GLU A 52 -12.34 6.33 17.06
CA GLU A 52 -12.36 6.25 15.61
C GLU A 52 -13.15 5.03 15.18
N ALA A 53 -14.00 5.21 14.17
CA ALA A 53 -14.64 4.10 13.50
C ALA A 53 -13.58 3.35 12.73
N LEU A 54 -13.68 2.03 12.68
CA LEU A 54 -12.64 1.22 12.06
C LEU A 54 -13.14 0.54 10.79
N GLY A 55 -13.56 1.33 9.81
CA GLY A 55 -14.03 0.80 8.55
C GLY A 55 -15.42 0.19 8.61
N PRO A 56 -16.09 0.07 7.45
CA PRO A 56 -17.46 -0.43 7.27
C PRO A 56 -17.78 -1.66 8.12
N ALA A 57 -16.87 -2.63 8.18
CA ALA A 57 -17.05 -3.77 9.07
C ALA A 57 -16.94 -3.33 10.52
N GLY A 58 -17.28 -4.21 11.44
CA GLY A 58 -17.28 -3.86 12.85
C GLY A 58 -15.92 -3.45 13.40
N GLY A 59 -15.81 -2.19 13.81
CA GLY A 59 -14.59 -1.75 14.47
C GLY A 59 -14.65 -0.42 15.18
N PHE A 60 -14.02 -0.34 16.34
CA PHE A 60 -13.77 0.94 17.01
C PHE A 60 -12.45 0.97 17.76
N ARG A 61 -11.67 2.03 17.54
CA ARG A 61 -10.38 2.18 18.20
C ARG A 61 -10.28 3.57 18.84
N LEU A 62 -9.19 3.88 19.50
CA LEU A 62 -9.02 5.22 20.06
C LEU A 62 -8.86 6.30 18.98
N GLY A 63 -9.17 7.53 19.33
CA GLY A 63 -9.14 8.62 18.37
C GLY A 63 -7.88 9.46 18.38
N PRO A 64 -7.72 10.30 17.33
CA PRO A 64 -6.58 11.21 17.17
C PRO A 64 -6.47 12.23 18.29
N ALA A 65 -7.60 12.84 18.65
CA ALA A 65 -7.63 13.86 19.71
C ALA A 65 -6.77 13.42 20.89
N LEU A 66 -6.77 12.12 21.14
CA LEU A 66 -5.99 11.54 22.23
C LEU A 66 -4.50 11.85 22.05
N GLY A 67 -4.03 11.75 20.81
CA GLY A 67 -2.64 12.04 20.50
C GLY A 67 -2.41 13.54 20.46
N GLN A 68 -3.35 14.26 19.86
CA GLN A 68 -3.25 15.71 19.76
C GLN A 68 -3.04 16.35 21.11
N LEU A 69 -3.75 15.82 22.11
CA LEU A 69 -3.69 16.39 23.45
C LEU A 69 -2.46 15.93 24.20
N ILE A 70 -1.37 15.73 23.49
CA ILE A 70 -0.13 15.35 24.15
C ILE A 70 1.03 16.20 23.65
N ASN A 71 0.98 16.54 22.36
CA ASN A 71 1.87 17.57 21.85
C ASN A 71 1.53 18.86 22.57
N GLN A 72 0.26 18.97 22.94
CA GLN A 72 -0.19 20.10 23.74
C GLN A 72 0.10 19.84 25.21
N ALA A 73 -0.16 18.61 25.65
CA ALA A 73 0.06 18.21 27.04
C ALA A 73 1.30 18.89 27.62
N GLN A 74 2.44 18.72 26.94
CA GLN A 74 3.65 19.45 27.28
C GLN A 74 4.30 20.01 26.01
N THR A 75 3.77 21.12 25.52
CA THR A 75 4.35 21.77 24.36
C THR A 75 5.53 22.63 24.79
N ASP A 76 6.21 22.19 25.85
CA ASP A 76 7.37 22.90 26.37
C ASP A 76 8.66 22.13 26.08
N ILE A 77 8.92 21.10 26.88
CA ILE A 77 10.12 20.29 26.71
C ILE A 77 10.25 19.76 25.29
N LEU A 78 9.13 19.46 24.66
CA LEU A 78 9.14 19.00 23.28
C LEU A 78 9.51 20.15 22.35
N SER A 79 8.93 21.32 22.61
CA SER A 79 9.11 22.48 21.75
C SER A 79 10.53 23.04 21.79
N LEU A 80 11.35 22.56 22.72
CA LEU A 80 12.73 23.04 22.80
C LEU A 80 13.74 21.91 22.56
N VAL A 81 13.41 20.70 22.99
CA VAL A 81 14.27 19.54 22.78
C VAL A 81 14.17 19.00 21.35
N LYS A 82 13.10 19.36 20.64
CA LYS A 82 12.90 18.86 19.28
C LYS A 82 14.11 19.10 18.36
N PRO A 83 14.64 20.34 18.34
CA PRO A 83 15.81 20.62 17.50
C PRO A 83 16.98 19.70 17.85
N TYR A 84 17.36 19.67 19.12
CA TYR A 84 18.47 18.85 19.58
C TYR A 84 18.29 17.40 19.15
N LEU A 85 17.06 16.89 19.29
CA LEU A 85 16.76 15.55 18.85
C LEU A 85 16.96 15.41 17.34
N ARG A 86 16.64 16.47 16.60
CA ARG A 86 16.84 16.46 15.16
C ARG A 86 18.32 16.30 14.83
N SER A 87 19.12 17.24 15.31
CA SER A 87 20.56 17.22 15.08
C SER A 87 21.16 15.86 15.47
N LEU A 88 20.86 15.43 16.68
CA LEU A 88 21.39 14.18 17.20
C LEU A 88 20.89 12.97 16.40
N ALA A 89 19.74 13.13 15.76
CA ALA A 89 19.16 12.06 14.96
C ALA A 89 19.81 11.99 13.59
N GLU A 90 20.30 13.14 13.13
CA GLU A 90 20.97 13.23 11.84
C GLU A 90 22.42 12.77 11.96
N GLU A 91 23.04 13.08 13.10
CA GLU A 91 24.43 12.74 13.34
C GLU A 91 24.66 11.23 13.37
N LEU A 92 24.15 10.57 14.40
CA LEU A 92 24.27 9.12 14.54
C LEU A 92 23.37 8.41 13.52
N ASP A 93 22.39 9.14 13.00
CA ASP A 93 21.47 8.58 12.01
C ASP A 93 20.74 7.36 12.58
N GLU A 94 20.44 7.40 13.87
CA GLU A 94 19.71 6.31 14.54
C GLU A 94 18.37 6.79 15.07
N SER A 95 17.65 5.89 15.73
CA SER A 95 16.32 6.21 16.26
C SER A 95 16.41 6.78 17.67
N VAL A 96 16.20 8.08 17.81
CA VAL A 96 16.34 8.75 19.11
C VAL A 96 15.04 8.75 19.90
N SER A 97 15.14 8.68 21.22
CA SER A 97 13.95 8.63 22.07
C SER A 97 14.04 9.50 23.31
N LEU A 98 13.15 10.49 23.39
CA LEU A 98 12.98 11.27 24.60
C LEU A 98 11.87 10.63 25.43
N ALA A 99 12.22 10.09 26.59
CA ALA A 99 11.24 9.39 27.41
C ALA A 99 11.21 9.87 28.86
N SER A 100 10.01 9.95 29.43
CA SER A 100 9.85 10.23 30.85
C SER A 100 9.50 8.93 31.54
N LEU A 101 9.34 8.98 32.86
CA LEU A 101 9.03 7.77 33.61
C LEU A 101 7.64 7.79 34.21
N ALA A 102 6.94 6.67 34.05
CA ALA A 102 5.65 6.48 34.68
C ALA A 102 5.58 5.06 35.22
N GLY A 103 5.61 4.95 36.55
CA GLY A 103 5.59 3.63 37.18
C GLY A 103 6.75 2.80 36.68
N ASP A 104 6.55 1.48 36.65
CA ASP A 104 7.63 0.57 36.27
C ASP A 104 7.87 0.55 34.76
N LYS A 105 7.28 1.52 34.05
CA LYS A 105 7.46 1.61 32.61
C LYS A 105 7.72 3.04 32.16
N ILE A 106 8.40 3.20 31.05
CA ILE A 106 8.78 4.52 30.58
C ILE A 106 7.75 5.10 29.60
N TYR A 107 7.31 6.31 29.89
CA TYR A 107 6.37 7.02 29.04
C TYR A 107 7.15 7.78 27.99
N VAL A 108 7.17 7.26 26.77
CA VAL A 108 7.87 7.88 25.67
C VAL A 108 7.23 9.20 25.25
N LEU A 109 7.91 10.31 25.48
CA LEU A 109 7.37 11.61 25.11
C LEU A 109 7.56 11.90 23.62
N ASP A 110 8.71 11.52 23.07
CA ASP A 110 8.95 11.72 21.65
C ASP A 110 9.97 10.71 21.10
N ARG A 111 9.93 10.52 19.78
CA ARG A 111 10.89 9.64 19.11
C ARG A 111 11.15 10.17 17.69
N ILE A 112 12.31 9.84 17.14
CA ILE A 112 12.57 10.04 15.72
C ILE A 112 13.22 8.78 15.15
N VAL A 113 12.54 8.18 14.18
CA VAL A 113 12.97 6.93 13.60
C VAL A 113 14.09 7.13 12.60
N SER A 114 15.10 6.27 12.65
CA SER A 114 16.16 6.28 11.66
C SER A 114 15.56 5.97 10.29
N GLU A 115 16.11 6.58 9.24
CA GLU A 115 15.65 6.33 7.89
C GLU A 115 16.33 5.09 7.31
N ARG A 116 17.04 4.36 8.17
CA ARG A 116 17.78 3.18 7.72
C ARG A 116 16.84 2.02 7.41
N GLU A 117 17.33 1.07 6.60
CA GLU A 117 16.51 -0.07 6.21
C GLU A 117 16.09 -0.86 7.45
N LEU A 118 17.07 -1.42 8.14
CA LEU A 118 16.82 -2.13 9.39
C LEU A 118 16.72 -1.13 10.52
N ARG A 119 15.50 -0.70 10.81
CA ARG A 119 15.27 0.30 11.84
C ARG A 119 14.59 -0.28 13.08
N VAL A 120 14.38 0.56 14.10
CA VAL A 120 13.71 0.14 15.32
C VAL A 120 12.75 1.21 15.79
N VAL A 121 11.46 0.86 15.84
CA VAL A 121 10.44 1.81 16.24
C VAL A 121 9.76 1.40 17.54
N PHE A 122 9.28 2.39 18.28
CA PHE A 122 8.51 2.17 19.49
C PHE A 122 7.66 3.41 19.71
N PRO A 123 6.36 3.30 19.38
CA PRO A 123 5.44 4.44 19.25
C PRO A 123 5.54 5.48 20.36
N ILE A 124 5.18 6.72 20.03
CA ILE A 124 5.08 7.79 21.02
C ILE A 124 4.23 7.31 22.17
N GLY A 125 4.73 7.48 23.39
CA GLY A 125 4.00 7.08 24.58
C GLY A 125 4.21 5.63 24.95
N ILE A 126 4.46 4.79 23.96
CA ILE A 126 4.57 3.35 24.17
C ILE A 126 5.18 3.03 25.53
N ASN A 127 4.55 2.10 26.24
CA ASN A 127 5.02 1.79 27.58
C ASN A 127 5.80 0.48 27.68
N VAL A 128 7.06 0.61 28.11
CA VAL A 128 7.95 -0.53 28.30
C VAL A 128 8.63 -0.43 29.67
N PRO A 129 8.66 -1.55 30.40
CA PRO A 129 9.26 -1.63 31.74
C PRO A 129 10.64 -0.98 31.80
N ALA A 130 10.81 -0.02 32.70
CA ALA A 130 12.05 0.72 32.82
C ALA A 130 13.19 -0.15 33.31
N ALA A 131 12.85 -1.32 33.84
CA ALA A 131 13.85 -2.26 34.34
C ALA A 131 14.49 -3.09 33.23
N ALA A 132 14.31 -2.67 31.98
CA ALA A 132 14.85 -3.41 30.85
C ALA A 132 15.29 -2.55 29.67
N THR A 133 14.98 -1.26 29.71
CA THR A 133 15.44 -0.34 28.68
C THR A 133 16.38 0.70 29.27
N ALA A 134 17.39 1.07 28.49
CA ALA A 134 18.40 2.02 28.95
C ALA A 134 17.76 3.24 29.59
N ALA A 135 16.92 3.92 28.81
CA ALA A 135 16.22 5.11 29.30
C ALA A 135 15.64 4.82 30.68
N GLY A 136 15.14 3.61 30.85
CA GLY A 136 14.52 3.19 32.10
C GLY A 136 15.51 3.12 33.23
N LYS A 137 16.61 2.41 33.00
CA LYS A 137 17.67 2.31 33.99
C LYS A 137 18.10 3.71 34.43
N VAL A 138 18.38 4.56 33.45
CA VAL A 138 18.79 5.93 33.72
C VAL A 138 17.77 6.64 34.60
N LEU A 139 16.49 6.56 34.22
CA LEU A 139 15.45 7.24 34.98
C LEU A 139 15.32 6.70 36.41
N LEU A 140 15.66 5.43 36.60
CA LEU A 140 15.62 4.83 37.94
C LEU A 140 16.80 5.29 38.78
N ALA A 141 17.95 5.46 38.15
CA ALA A 141 19.15 5.89 38.86
C ALA A 141 18.90 7.17 39.65
N ALA A 142 18.31 8.16 38.98
CA ALA A 142 18.04 9.45 39.61
C ALA A 142 16.78 9.42 40.46
N LEU A 143 16.76 8.55 41.46
CA LEU A 143 15.59 8.37 42.30
C LEU A 143 15.98 7.98 43.73
N PRO A 144 15.29 8.57 44.73
CA PRO A 144 15.59 8.32 46.14
C PRO A 144 15.79 6.83 46.42
N ASP A 145 16.84 6.51 47.17
CA ASP A 145 17.12 5.14 47.56
C ASP A 145 15.92 4.55 48.29
N GLU A 146 14.93 5.39 48.59
CA GLU A 146 13.73 4.97 49.29
C GLU A 146 12.58 4.73 48.31
N THR A 147 12.48 5.56 47.29
CA THR A 147 11.41 5.42 46.29
C THR A 147 11.72 4.30 45.30
N LEU A 148 12.98 4.24 44.88
CA LEU A 148 13.42 3.28 43.86
C LEU A 148 13.21 1.83 44.27
N GLN A 149 13.11 1.60 45.57
CA GLN A 149 12.84 0.25 46.08
C GLN A 149 11.34 -0.02 45.96
N ALA A 150 10.53 1.01 46.22
CA ALA A 150 9.08 0.90 46.12
C ALA A 150 8.65 0.67 44.68
N ALA A 151 9.36 1.30 43.75
CA ALA A 151 9.07 1.14 42.32
C ALA A 151 9.34 -0.29 41.88
N LEU A 152 9.92 -1.08 42.77
CA LEU A 152 10.24 -2.48 42.49
C LEU A 152 9.71 -3.40 43.59
N GLY A 153 8.42 -3.29 43.87
CA GLY A 153 7.80 -4.04 44.94
C GLY A 153 7.28 -5.41 44.50
N GLU A 154 7.75 -5.87 43.35
CA GLU A 154 7.35 -7.17 42.84
C GLU A 154 8.45 -7.76 41.97
N GLN A 155 8.37 -9.06 41.70
CA GLN A 155 9.33 -9.71 40.82
C GLN A 155 9.41 -8.95 39.51
N LEU A 156 10.56 -8.30 39.30
CA LEU A 156 10.77 -7.43 38.15
C LEU A 156 10.33 -8.08 36.86
N PRO A 157 9.93 -7.25 35.88
CA PRO A 157 9.60 -7.79 34.56
C PRO A 157 10.76 -8.60 34.01
N VAL A 158 10.45 -9.71 33.34
CA VAL A 158 11.47 -10.56 32.73
C VAL A 158 11.19 -10.71 31.23
N LEU A 159 11.09 -9.57 30.56
CA LEU A 159 10.68 -9.51 29.15
C LEU A 159 11.54 -10.35 28.21
N THR A 160 12.74 -10.72 28.66
CA THR A 160 13.65 -11.52 27.83
C THR A 160 14.50 -12.49 28.64
N SER A 161 15.58 -12.95 28.00
CA SER A 161 16.48 -13.93 28.59
C SER A 161 17.58 -13.27 29.41
N ASN A 162 18.24 -12.29 28.81
CA ASN A 162 19.33 -11.59 29.47
C ASN A 162 18.83 -10.52 30.44
N THR A 163 17.53 -10.54 30.72
CA THR A 163 16.95 -9.59 31.67
C THR A 163 17.60 -9.77 33.04
N LEU A 164 17.54 -8.73 33.85
CA LEU A 164 18.27 -8.69 35.11
C LEU A 164 17.43 -9.15 36.31
N GLY A 165 18.11 -9.62 37.35
CA GLY A 165 17.45 -9.99 38.60
C GLY A 165 17.38 -8.81 39.54
N ARG A 166 17.08 -9.06 40.80
CA ARG A 166 16.97 -7.98 41.78
C ARG A 166 18.33 -7.38 42.13
N LYS A 167 19.14 -8.15 42.87
CA LYS A 167 20.49 -7.72 43.23
C LYS A 167 21.23 -7.25 41.98
N ALA A 168 21.24 -8.10 40.97
CA ALA A 168 21.87 -7.77 39.69
C ALA A 168 21.52 -6.36 39.23
N LEU A 169 20.27 -5.95 39.43
CA LEU A 169 19.83 -4.62 39.03
C LEU A 169 20.34 -3.55 39.99
N VAL A 170 20.07 -3.74 41.28
CA VAL A 170 20.54 -2.81 42.30
C VAL A 170 22.01 -2.46 42.07
N LYS A 171 22.76 -3.42 41.52
CA LYS A 171 24.16 -3.22 41.19
C LYS A 171 24.35 -2.10 40.15
N GLN A 172 23.93 -2.35 38.92
CA GLN A 172 24.06 -1.36 37.85
C GLN A 172 23.44 -0.01 38.23
N LEU A 173 22.40 -0.06 39.06
CA LEU A 173 21.69 1.16 39.47
C LEU A 173 22.63 2.25 39.96
N SER A 174 23.77 1.85 40.52
CA SER A 174 24.77 2.81 40.98
C SER A 174 25.71 3.16 39.83
N GLU A 175 26.25 2.14 39.18
CA GLU A 175 27.16 2.33 38.05
C GLU A 175 26.65 3.45 37.14
N VAL A 176 25.37 3.39 36.81
CA VAL A 176 24.77 4.37 35.93
C VAL A 176 24.70 5.76 36.57
N ARG A 177 24.49 5.80 37.89
CA ARG A 177 24.55 7.07 38.61
C ARG A 177 25.91 7.70 38.38
N GLN A 178 26.95 6.90 38.56
CA GLN A 178 28.31 7.36 38.33
C GLN A 178 28.63 7.78 36.89
N SER A 179 28.74 6.79 36.00
CA SER A 179 29.13 7.03 34.61
C SER A 179 28.16 8.01 33.96
N GLY A 180 26.92 8.05 34.45
CA GLY A 180 25.92 8.95 33.94
C GLY A 180 25.15 8.38 32.77
N VAL A 181 25.61 7.23 32.27
CA VAL A 181 24.96 6.56 31.15
C VAL A 181 24.55 5.14 31.51
N ALA A 182 23.70 4.54 30.68
CA ALA A 182 23.23 3.19 30.91
C ALA A 182 23.05 2.41 29.61
N SER A 183 23.22 1.09 29.71
CA SER A 183 23.24 0.22 28.53
C SER A 183 22.17 -0.87 28.60
N ASP A 184 21.80 -1.38 27.44
CA ASP A 184 20.82 -2.45 27.32
C ASP A 184 21.18 -3.36 26.15
N LEU A 185 21.57 -4.60 26.48
CA LEU A 185 21.93 -5.60 25.47
C LEU A 185 20.99 -6.80 25.53
N ASP A 186 20.06 -6.88 24.59
CA ASP A 186 19.13 -8.01 24.51
C ASP A 186 18.44 -8.27 25.85
N GLU A 187 17.89 -7.22 26.46
CA GLU A 187 17.24 -7.35 27.75
C GLU A 187 15.78 -6.88 27.67
N HIS A 188 15.50 -6.04 26.69
CA HIS A 188 14.14 -5.59 26.42
C HIS A 188 13.54 -6.47 25.34
N ILE A 189 14.31 -6.68 24.27
CA ILE A 189 13.90 -7.53 23.16
C ILE A 189 15.11 -8.17 22.51
N ASP A 190 15.08 -9.49 22.39
CA ASP A 190 16.19 -10.23 21.80
C ASP A 190 16.54 -9.65 20.44
N GLY A 191 17.70 -9.00 20.36
CA GLY A 191 18.16 -8.41 19.12
C GLY A 191 18.34 -6.91 19.19
N VAL A 192 17.76 -6.30 20.23
CA VAL A 192 17.84 -4.85 20.36
C VAL A 192 18.73 -4.44 21.51
N SER A 193 19.40 -3.30 21.33
CA SER A 193 20.22 -2.70 22.36
C SER A 193 19.97 -1.20 22.39
N SER A 194 19.96 -0.63 23.59
CA SER A 194 19.64 0.79 23.73
C SER A 194 20.52 1.42 24.79
N PHE A 195 20.95 2.66 24.55
CA PHE A 195 21.80 3.35 25.50
C PHE A 195 21.17 4.68 25.88
N ALA A 196 21.39 5.13 27.12
CA ALA A 196 20.70 6.34 27.55
C ALA A 196 21.49 7.20 28.53
N THR A 197 21.23 8.48 28.49
CA THR A 197 21.80 9.42 29.44
C THR A 197 20.69 10.30 30.01
N LEU A 198 20.84 10.69 31.27
CA LEU A 198 19.83 11.49 31.97
C LEU A 198 19.78 12.91 31.44
N LEU A 199 18.81 13.68 31.93
CA LEU A 199 18.68 15.10 31.59
C LEU A 199 18.18 15.91 32.76
N ASP A 200 19.01 16.05 33.80
CA ASP A 200 18.63 16.79 34.99
C ASP A 200 18.21 18.19 34.51
N THR A 201 16.90 18.46 34.53
CA THR A 201 16.38 19.73 34.05
C THR A 201 15.50 20.32 35.13
N TYR A 202 15.15 21.60 34.95
CA TYR A 202 14.24 22.28 35.86
C TYR A 202 12.83 21.79 35.59
N LEU A 203 12.64 21.22 34.41
CA LEU A 203 11.34 20.72 34.00
C LEU A 203 11.09 19.32 34.54
N GLY A 204 12.13 18.71 35.08
CA GLY A 204 12.03 17.39 35.68
C GLY A 204 13.16 16.49 35.25
N TYR A 205 13.02 15.20 35.54
CA TYR A 205 14.01 14.21 35.13
C TYR A 205 13.58 13.42 33.90
N TYR A 206 14.15 13.75 32.75
CA TYR A 206 13.87 13.04 31.51
C TYR A 206 15.06 12.21 31.09
N SER A 207 14.84 11.22 30.24
CA SER A 207 15.95 10.41 29.73
C SER A 207 16.05 10.48 28.21
N LEU A 208 17.24 10.76 27.73
CA LEU A 208 17.51 10.79 26.30
C LEU A 208 18.25 9.52 25.92
N ALA A 209 17.64 8.73 25.03
CA ALA A 209 18.21 7.43 24.69
C ALA A 209 18.32 7.26 23.19
N ILE A 210 19.08 6.24 22.79
CA ILE A 210 19.24 5.83 21.41
C ILE A 210 19.04 4.31 21.33
N VAL A 211 18.15 3.89 20.45
CA VAL A 211 17.79 2.48 20.32
C VAL A 211 18.13 1.92 18.94
N MET A 212 18.87 0.82 18.92
CA MET A 212 19.36 0.25 17.68
C MET A 212 19.56 -1.25 17.80
N PRO A 213 19.66 -1.95 16.67
CA PRO A 213 19.91 -3.41 16.66
C PRO A 213 21.23 -3.76 17.34
N SER A 214 21.56 -5.03 17.38
CA SER A 214 22.81 -5.48 18.02
C SER A 214 23.92 -5.63 17.00
N SER A 215 23.56 -5.79 15.74
CA SER A 215 24.54 -5.92 14.66
C SER A 215 25.40 -4.67 14.59
N ARG A 216 24.84 -3.54 14.97
CA ARG A 216 25.53 -2.26 14.88
C ARG A 216 25.92 -1.74 16.26
N ALA A 217 25.58 -2.50 17.30
CA ALA A 217 25.86 -2.10 18.67
C ALA A 217 27.31 -2.37 19.07
N SER A 218 27.68 -3.63 19.11
CA SER A 218 29.03 -4.03 19.47
C SER A 218 30.05 -3.26 18.65
N LYS A 219 29.73 -3.02 17.38
CA LYS A 219 30.63 -2.32 16.46
C LYS A 219 31.09 -1.00 17.06
N GLN A 220 30.13 -0.18 17.46
CA GLN A 220 30.42 1.15 17.97
C GLN A 220 29.53 1.49 19.17
N SER A 221 30.01 1.18 20.37
CA SER A 221 29.26 1.47 21.58
C SER A 221 29.70 2.79 22.19
N ASP A 222 30.99 3.06 22.11
CA ASP A 222 31.58 4.25 22.74
C ASP A 222 31.15 5.55 22.06
N LEU A 223 31.50 5.71 20.79
CA LEU A 223 31.18 6.93 20.06
C LEU A 223 29.74 7.35 20.29
N ILE A 224 28.87 6.36 20.46
CA ILE A 224 27.49 6.61 20.83
C ILE A 224 27.43 7.31 22.17
N LYS A 225 27.87 6.61 23.21
CA LYS A 225 27.85 7.14 24.58
C LYS A 225 28.38 8.57 24.63
N LYS A 226 29.48 8.82 23.94
CA LYS A 226 30.06 10.16 23.89
C LYS A 226 29.12 11.15 23.22
N ALA A 227 28.62 10.80 22.04
CA ALA A 227 27.66 11.65 21.35
C ALA A 227 26.54 12.05 22.31
N LEU A 228 25.89 11.04 22.88
CA LEU A 228 24.82 11.24 23.85
C LEU A 228 25.24 12.19 24.95
N LEU A 229 26.42 11.99 25.50
CA LEU A 229 26.89 12.84 26.60
C LEU A 229 27.05 14.31 26.19
N GLN A 230 27.57 14.54 24.99
CA GLN A 230 27.74 15.91 24.51
C GLN A 230 26.38 16.55 24.29
N SER A 231 25.46 15.78 23.71
CA SER A 231 24.09 16.25 23.52
C SER A 231 23.49 16.67 24.87
N LYS A 232 23.60 15.78 25.85
CA LYS A 232 23.15 16.05 27.21
C LYS A 232 23.73 17.35 27.73
N LEU A 233 25.04 17.53 27.53
CA LEU A 233 25.70 18.75 28.00
C LEU A 233 25.08 19.99 27.34
N ASN A 234 25.15 20.06 26.02
CA ASN A 234 24.58 21.17 25.27
C ASN A 234 23.18 21.52 25.75
N ILE A 235 22.33 20.49 25.86
CA ILE A 235 20.98 20.66 26.35
C ILE A 235 20.98 21.32 27.72
N GLU A 236 21.66 20.69 28.67
CA GLU A 236 21.68 21.19 30.05
C GLU A 236 22.46 22.49 30.20
N ARG A 237 22.91 23.05 29.09
CA ARG A 237 23.48 24.40 29.10
C ARG A 237 22.39 25.39 28.72
N ALA A 238 21.15 24.90 28.62
CA ALA A 238 20.02 25.73 28.24
C ALA A 238 18.81 25.45 29.14
N ILE A 239 18.86 24.34 29.89
CA ILE A 239 17.75 23.95 30.73
C ILE A 239 18.17 23.25 32.02
N GLY A 240 19.45 22.92 32.12
CA GLY A 240 19.98 22.29 33.31
C GLY A 240 19.71 23.10 34.56
N ARG A 241 20.14 22.57 35.71
CA ARG A 241 19.95 23.27 36.97
C ARG A 241 20.76 22.64 38.09
N ILE B 2 -23.76 11.82 27.06
CA ILE B 2 -23.57 11.94 25.63
C ILE B 2 -23.57 13.40 25.19
N GLN B 3 -23.73 14.30 26.15
CA GLN B 3 -23.86 15.72 25.84
C GLN B 3 -23.33 16.59 27.00
N VAL B 4 -22.84 15.91 28.03
CA VAL B 4 -22.03 16.54 29.05
C VAL B 4 -20.62 16.25 28.62
N ILE B 5 -20.50 15.31 27.69
CA ILE B 5 -19.23 14.89 27.16
C ILE B 5 -18.65 15.94 26.22
N ALA B 6 -19.44 16.42 25.26
CA ALA B 6 -19.03 17.55 24.44
C ALA B 6 -18.39 18.62 25.34
N ARG B 7 -18.97 18.79 26.52
CA ARG B 7 -18.50 19.80 27.47
C ARG B 7 -17.13 19.45 28.03
N ALA B 8 -17.04 18.28 28.66
CA ALA B 8 -15.78 17.82 29.22
C ALA B 8 -14.65 17.88 28.19
N ALA B 9 -14.99 17.54 26.95
CA ALA B 9 -14.04 17.61 25.84
C ALA B 9 -13.59 19.04 25.66
N SER B 10 -14.54 19.93 25.43
CA SER B 10 -14.21 21.35 25.31
C SER B 10 -13.21 21.74 26.40
N ILE B 11 -13.41 21.19 27.59
CA ILE B 11 -12.52 21.48 28.70
C ILE B 11 -11.13 20.90 28.46
N MET B 12 -11.08 19.64 28.07
CA MET B 12 -9.82 19.02 27.68
C MET B 12 -9.07 19.97 26.75
N ARG B 13 -9.72 20.34 25.65
CA ARG B 13 -9.15 21.25 24.67
C ARG B 13 -8.61 22.52 25.32
N ALA B 14 -9.42 23.14 26.18
CA ALA B 14 -8.97 24.33 26.89
C ALA B 14 -7.64 24.07 27.58
N LEU B 15 -7.57 22.96 28.31
CA LEU B 15 -6.37 22.61 29.05
C LEU B 15 -5.19 22.29 28.13
N GLY B 16 -5.50 21.93 26.88
CA GLY B 16 -4.46 21.71 25.89
C GLY B 16 -4.05 23.01 25.22
N SER B 17 -4.88 24.04 25.38
CA SER B 17 -4.60 25.34 24.82
C SER B 17 -3.82 26.18 25.81
N HIS B 18 -3.82 25.78 27.06
CA HIS B 18 -3.09 26.51 28.09
C HIS B 18 -2.36 25.56 29.04
N PRO B 19 -1.46 24.73 28.48
CA PRO B 19 -0.78 23.60 29.13
C PRO B 19 -0.10 23.97 30.43
N HIS B 20 0.18 25.25 30.64
CA HIS B 20 0.88 25.68 31.85
C HIS B 20 0.00 25.53 33.09
N GLY B 21 -1.31 25.55 32.87
CA GLY B 21 -2.25 25.35 33.97
C GLY B 21 -3.41 26.33 33.94
N LEU B 22 -4.61 25.85 34.25
CA LEU B 22 -5.79 26.71 34.27
C LEU B 22 -6.67 26.51 35.49
N SER B 23 -7.13 27.62 36.06
CA SER B 23 -8.11 27.58 37.14
C SER B 23 -9.50 27.52 36.54
N LEU B 24 -10.44 26.95 37.29
CA LEU B 24 -11.79 26.74 36.80
C LEU B 24 -12.48 28.03 36.37
N ALA B 25 -12.02 29.16 36.89
CA ALA B 25 -12.52 30.45 36.43
C ALA B 25 -12.18 30.63 34.96
N ALA B 26 -10.89 30.61 34.65
CA ALA B 26 -10.40 30.75 33.29
C ALA B 26 -11.10 29.78 32.36
N ILE B 27 -11.37 28.57 32.85
CA ILE B 27 -12.08 27.57 32.07
C ILE B 27 -13.50 28.05 31.81
N ALA B 28 -14.13 28.55 32.87
CA ALA B 28 -15.48 29.08 32.79
C ALA B 28 -15.54 30.17 31.73
N GLN B 29 -14.43 30.85 31.51
CA GLN B 29 -14.39 31.86 30.47
C GLN B 29 -14.19 31.26 29.07
N LEU B 30 -13.19 30.40 28.93
CA LEU B 30 -12.89 29.78 27.64
C LEU B 30 -14.08 29.00 27.09
N VAL B 31 -14.99 28.62 27.97
CA VAL B 31 -16.23 27.96 27.56
C VAL B 31 -17.41 28.51 28.34
N GLY B 32 -18.52 28.76 27.64
CA GLY B 32 -19.70 29.36 28.25
C GLY B 32 -20.44 28.45 29.21
N LEU B 33 -19.70 27.82 30.11
CA LEU B 33 -20.27 26.91 31.10
C LEU B 33 -20.02 27.42 32.50
N PRO B 34 -21.09 27.61 33.28
CA PRO B 34 -21.06 28.07 34.66
C PRO B 34 -19.98 27.42 35.52
N ARG B 35 -19.49 28.17 36.50
CA ARG B 35 -18.39 27.73 37.36
C ARG B 35 -18.62 26.36 37.96
N SER B 36 -19.77 26.18 38.59
CA SER B 36 -20.08 24.94 39.31
C SER B 36 -19.99 23.70 38.40
N THR B 37 -20.56 23.80 37.22
CA THR B 37 -20.52 22.69 36.26
C THR B 37 -19.07 22.27 36.03
N VAL B 38 -18.25 23.25 35.64
CA VAL B 38 -16.83 23.03 35.46
C VAL B 38 -16.26 22.33 36.68
N GLN B 39 -16.60 22.83 37.87
CA GLN B 39 -16.24 22.18 39.11
C GLN B 39 -16.45 20.67 39.03
N ARG B 40 -17.72 20.26 38.94
CA ARG B 40 -18.07 18.84 38.98
C ARG B 40 -17.36 18.04 37.91
N ILE B 41 -17.46 18.49 36.67
CA ILE B 41 -16.87 17.79 35.54
C ILE B 41 -15.37 17.57 35.76
N ILE B 42 -14.65 18.66 36.01
CA ILE B 42 -13.25 18.58 36.33
C ILE B 42 -13.04 17.51 37.39
N ASN B 43 -13.83 17.54 38.47
CA ASN B 43 -13.71 16.51 39.48
C ASN B 43 -13.73 15.10 38.90
N ALA B 44 -14.76 14.78 38.12
CA ALA B 44 -14.87 13.46 37.52
C ALA B 44 -13.60 13.12 36.74
N LEU B 45 -13.21 14.02 35.85
CA LEU B 45 -12.02 13.82 35.04
C LEU B 45 -10.79 13.51 35.88
N GLU B 46 -10.54 14.32 36.90
CA GLU B 46 -9.43 14.10 37.80
C GLU B 46 -9.52 12.69 38.36
N GLU B 47 -10.74 12.30 38.75
CA GLU B 47 -10.96 10.98 39.33
C GLU B 47 -10.52 9.88 38.38
N GLU B 48 -10.75 10.08 37.08
CA GLU B 48 -10.32 9.07 36.11
C GLU B 48 -8.89 9.30 35.59
N PHE B 49 -8.17 10.20 36.25
CA PHE B 49 -6.79 10.51 35.88
C PHE B 49 -6.66 11.16 34.51
N LEU B 50 -7.75 11.69 33.98
CA LEU B 50 -7.66 12.40 32.71
C LEU B 50 -7.22 13.84 32.91
N VAL B 51 -7.12 14.24 34.17
CA VAL B 51 -6.66 15.59 34.53
C VAL B 51 -5.91 15.58 35.86
N GLU B 52 -4.94 16.48 36.00
CA GLU B 52 -4.17 16.62 37.23
C GLU B 52 -4.44 17.95 37.93
N ALA B 53 -4.35 17.94 39.25
CA ALA B 53 -4.42 19.16 40.05
C ALA B 53 -3.03 19.79 40.11
N LEU B 54 -2.97 21.12 39.93
CA LEU B 54 -1.70 21.82 39.86
C LEU B 54 -1.21 22.29 41.23
N GLY B 55 -1.63 21.58 42.28
CA GLY B 55 -1.30 21.92 43.64
C GLY B 55 -2.36 22.82 44.27
N PRO B 56 -2.20 23.14 45.57
CA PRO B 56 -3.09 24.06 46.28
C PRO B 56 -3.32 25.35 45.50
N ALA B 57 -2.34 25.73 44.68
CA ALA B 57 -2.47 26.88 43.80
C ALA B 57 -3.47 26.57 42.70
N GLY B 58 -4.07 27.61 42.14
CA GLY B 58 -5.08 27.45 41.12
C GLY B 58 -4.55 26.78 39.86
N GLY B 59 -5.08 25.61 39.54
CA GLY B 59 -4.68 24.93 38.32
C GLY B 59 -5.16 23.50 38.14
N PHE B 60 -5.31 23.10 36.89
CA PHE B 60 -5.63 21.74 36.49
C PHE B 60 -5.02 21.47 35.12
N ARG B 61 -3.97 20.67 35.06
CA ARG B 61 -3.35 20.32 33.79
C ARG B 61 -3.96 19.03 33.26
N LEU B 62 -3.56 18.62 32.05
CA LEU B 62 -4.03 17.36 31.51
C LEU B 62 -3.45 16.20 32.32
N GLY B 63 -4.14 15.06 32.34
CA GLY B 63 -3.71 13.95 33.17
C GLY B 63 -2.91 12.90 32.42
N PRO B 64 -2.26 12.00 33.18
CA PRO B 64 -1.45 10.88 32.68
C PRO B 64 -2.26 9.87 31.89
N ALA B 65 -3.55 9.76 32.22
CA ALA B 65 -4.42 8.80 31.55
C ALA B 65 -4.22 8.87 30.05
N LEU B 66 -4.10 10.08 29.53
CA LEU B 66 -3.92 10.29 28.11
C LEU B 66 -2.78 9.41 27.59
N GLY B 67 -1.61 9.58 28.16
CA GLY B 67 -0.45 8.76 27.81
C GLY B 67 -0.71 7.30 28.08
N GLN B 68 -1.39 7.02 29.19
CA GLN B 68 -1.73 5.65 29.54
C GLN B 68 -2.56 5.00 28.44
N LEU B 69 -3.09 5.82 27.53
CA LEU B 69 -4.10 5.34 26.59
C LEU B 69 -3.65 5.20 25.13
N ILE B 70 -2.51 5.77 24.76
CA ILE B 70 -2.17 5.93 23.34
C ILE B 70 -2.09 4.67 22.45
N ASN B 71 -2.08 3.48 23.08
CA ASN B 71 -2.13 2.22 22.33
C ASN B 71 -1.14 1.88 21.22
N GLN B 72 -1.65 1.31 20.14
CA GLN B 72 -0.84 0.86 19.02
C GLN B 72 -0.86 2.05 18.06
N ALA B 73 -0.09 3.08 18.39
CA ALA B 73 0.13 4.19 17.47
C ALA B 73 -1.07 4.95 16.85
N GLN B 74 -1.67 5.79 17.69
CA GLN B 74 -2.58 6.82 17.24
C GLN B 74 -1.74 7.87 16.54
N THR B 75 -0.45 7.57 16.41
CA THR B 75 0.51 8.47 15.82
C THR B 75 1.30 7.80 14.72
N ASP B 76 0.71 7.73 13.54
CA ASP B 76 1.37 7.23 12.34
C ASP B 76 0.56 7.67 11.14
N ILE B 77 0.84 8.89 10.69
CA ILE B 77 0.08 9.55 9.61
C ILE B 77 -0.21 8.63 8.43
N LEU B 78 0.46 7.49 8.37
CA LEU B 78 0.04 6.46 7.44
C LEU B 78 -1.35 5.91 7.75
N SER B 79 -1.47 5.18 8.86
CA SER B 79 -2.74 4.60 9.29
C SER B 79 -3.69 5.71 9.72
N LEU B 80 -3.15 6.93 9.82
CA LEU B 80 -3.93 8.06 10.29
C LEU B 80 -4.54 8.86 9.14
N VAL B 81 -3.91 8.82 7.97
CA VAL B 81 -4.37 9.63 6.84
C VAL B 81 -4.92 8.81 5.69
N LYS B 82 -4.54 7.53 5.66
CA LYS B 82 -5.01 6.63 4.60
C LYS B 82 -6.51 6.77 4.32
N PRO B 83 -7.33 6.82 5.38
CA PRO B 83 -8.78 7.00 5.18
C PRO B 83 -9.07 8.18 4.26
N TYR B 84 -8.47 9.33 4.57
CA TYR B 84 -8.71 10.54 3.79
C TYR B 84 -8.12 10.47 2.39
N LEU B 85 -7.02 9.74 2.24
CA LEU B 85 -6.45 9.50 0.92
C LEU B 85 -7.42 8.72 0.04
N ARG B 86 -7.84 7.55 0.52
CA ARG B 86 -8.84 6.78 -0.18
C ARG B 86 -10.05 7.65 -0.49
N SER B 87 -10.43 8.51 0.46
CA SER B 87 -11.58 9.39 0.26
C SER B 87 -11.41 10.27 -0.96
N LEU B 88 -10.32 11.02 -0.98
CA LEU B 88 -10.03 11.95 -2.06
C LEU B 88 -9.89 11.24 -3.41
N ALA B 89 -9.11 10.16 -3.43
CA ALA B 89 -8.85 9.41 -4.65
C ALA B 89 -10.12 8.77 -5.18
N GLU B 90 -11.04 8.47 -4.27
CA GLU B 90 -12.33 7.92 -4.64
C GLU B 90 -13.16 9.04 -5.27
N GLU B 91 -13.05 10.24 -4.70
CA GLU B 91 -13.83 11.37 -5.17
C GLU B 91 -13.40 11.88 -6.55
N LEU B 92 -12.11 11.79 -6.86
CA LEU B 92 -11.60 12.35 -8.11
C LEU B 92 -11.16 11.34 -9.18
N ASP B 93 -10.80 10.13 -8.74
CA ASP B 93 -10.30 9.09 -9.63
C ASP B 93 -8.91 9.40 -10.15
N GLU B 94 -8.24 10.34 -9.48
CA GLU B 94 -6.86 10.70 -9.82
C GLU B 94 -5.94 10.21 -8.70
N SER B 95 -4.81 9.64 -9.06
CA SER B 95 -3.87 9.14 -8.06
C SER B 95 -3.45 10.23 -7.07
N VAL B 96 -3.36 9.90 -5.79
CA VAL B 96 -3.01 10.89 -4.77
C VAL B 96 -1.84 10.45 -3.92
N SER B 97 -1.28 11.37 -3.16
CA SER B 97 -0.09 11.06 -2.38
C SER B 97 0.14 11.96 -1.16
N LEU B 98 0.80 11.37 -0.17
CA LEU B 98 1.21 12.04 1.04
C LEU B 98 2.70 11.82 1.18
N ALA B 99 3.44 12.92 1.35
CA ALA B 99 4.90 12.84 1.50
C ALA B 99 5.45 13.87 2.48
N SER B 100 6.53 13.52 3.18
CA SER B 100 7.15 14.44 4.13
C SER B 100 8.24 15.23 3.45
N LEU B 101 8.92 16.10 4.20
CA LEU B 101 10.01 16.89 3.64
C LEU B 101 11.35 16.61 4.32
N ALA B 102 12.33 16.23 3.53
CA ALA B 102 13.67 15.96 4.01
C ALA B 102 14.66 16.84 3.27
N GLY B 103 14.86 18.06 3.77
CA GLY B 103 15.80 18.98 3.16
C GLY B 103 15.38 19.40 1.77
N ASP B 104 16.00 18.80 0.76
CA ASP B 104 15.71 19.15 -0.63
C ASP B 104 14.98 18.04 -1.36
N LYS B 105 14.65 16.98 -0.63
CA LYS B 105 13.93 15.85 -1.22
C LYS B 105 12.74 15.45 -0.37
N ILE B 106 11.58 15.31 -1.00
CA ILE B 106 10.39 14.85 -0.29
C ILE B 106 10.32 13.33 -0.32
N TYR B 107 9.86 12.74 0.78
CA TYR B 107 9.78 11.30 0.92
C TYR B 107 8.33 10.88 0.63
N VAL B 108 8.14 10.11 -0.43
CA VAL B 108 6.81 9.61 -0.78
C VAL B 108 6.39 8.61 0.29
N LEU B 109 5.70 9.11 1.31
CA LEU B 109 5.27 8.26 2.40
C LEU B 109 4.24 7.25 1.95
N ASP B 110 3.26 7.69 1.17
CA ASP B 110 2.27 6.76 0.60
C ASP B 110 1.46 7.38 -0.53
N ARG B 111 0.87 6.54 -1.37
CA ARG B 111 0.04 7.02 -2.47
C ARG B 111 -1.09 6.05 -2.75
N ILE B 112 -2.05 6.50 -3.56
CA ILE B 112 -3.10 5.65 -4.09
C ILE B 112 -3.14 5.86 -5.60
N VAL B 113 -3.12 4.76 -6.35
CA VAL B 113 -3.15 4.85 -7.80
C VAL B 113 -4.56 4.62 -8.33
N SER B 114 -5.00 5.49 -9.25
CA SER B 114 -6.30 5.33 -9.89
C SER B 114 -6.21 4.26 -10.97
N GLU B 115 -7.31 3.57 -11.23
CA GLU B 115 -7.31 2.49 -12.21
C GLU B 115 -7.78 2.97 -13.59
N ARG B 116 -7.53 4.26 -13.87
CA ARG B 116 -7.93 4.84 -15.15
C ARG B 116 -7.09 4.29 -16.29
N GLU B 117 -7.64 4.32 -17.50
CA GLU B 117 -6.92 3.85 -18.67
C GLU B 117 -5.64 4.65 -18.82
N LEU B 118 -5.74 5.94 -18.56
CA LEU B 118 -4.58 6.82 -18.62
C LEU B 118 -4.09 7.17 -17.21
N ARG B 119 -3.12 6.39 -16.73
CA ARG B 119 -2.72 6.48 -15.33
C ARG B 119 -1.30 6.99 -15.13
N VAL B 120 -1.04 7.46 -13.91
CA VAL B 120 0.27 7.97 -13.52
C VAL B 120 0.78 7.21 -12.30
N VAL B 121 1.79 6.36 -12.51
CA VAL B 121 2.28 5.51 -11.44
C VAL B 121 3.66 5.96 -10.95
N PHE B 122 3.89 5.83 -9.65
CA PHE B 122 5.20 6.15 -9.09
C PHE B 122 5.47 5.41 -7.78
N PRO B 123 6.75 5.18 -7.45
CA PRO B 123 7.16 4.39 -6.30
C PRO B 123 6.74 4.97 -4.95
N ILE B 124 7.02 4.22 -3.90
CA ILE B 124 6.79 4.66 -2.52
C ILE B 124 8.07 4.42 -1.74
N GLY B 125 8.62 5.47 -1.14
CA GLY B 125 9.91 5.39 -0.48
C GLY B 125 11.00 6.07 -1.30
N ILE B 126 10.67 6.34 -2.56
CA ILE B 126 11.58 7.04 -3.46
C ILE B 126 11.80 8.48 -2.99
N ASN B 127 13.05 8.89 -2.90
CA ASN B 127 13.38 10.28 -2.63
C ASN B 127 13.42 11.07 -3.92
N VAL B 128 12.57 12.08 -4.02
CA VAL B 128 12.50 12.90 -5.23
C VAL B 128 12.75 14.37 -4.93
N PRO B 129 13.17 15.13 -5.94
CA PRO B 129 13.52 16.55 -5.80
C PRO B 129 12.31 17.40 -5.39
N ALA B 130 12.51 18.25 -4.38
CA ALA B 130 11.43 19.06 -3.84
C ALA B 130 10.98 20.14 -4.81
N ALA B 131 11.90 21.02 -5.18
CA ALA B 131 11.59 22.12 -6.08
C ALA B 131 10.95 21.65 -7.39
N ALA B 132 10.98 20.34 -7.62
CA ALA B 132 10.48 19.79 -8.88
C ALA B 132 8.98 19.49 -8.85
N THR B 133 8.48 19.06 -7.69
CA THR B 133 7.08 18.64 -7.54
C THR B 133 6.25 19.67 -6.77
N ALA B 134 4.92 19.56 -6.89
CA ALA B 134 4.01 20.47 -6.19
C ALA B 134 4.00 20.19 -4.69
N ALA B 135 3.94 18.91 -4.35
CA ALA B 135 4.04 18.47 -2.95
C ALA B 135 5.25 19.13 -2.32
N GLY B 136 6.38 18.99 -3.00
CA GLY B 136 7.57 19.71 -2.63
C GLY B 136 7.26 21.18 -2.37
N LYS B 137 6.91 21.91 -3.43
CA LYS B 137 6.63 23.34 -3.34
C LYS B 137 5.91 23.72 -2.06
N VAL B 138 4.78 23.07 -1.81
CA VAL B 138 3.99 23.30 -0.61
C VAL B 138 4.80 23.05 0.65
N LEU B 139 5.49 21.91 0.71
CA LEU B 139 6.36 21.62 1.85
C LEU B 139 7.43 22.69 2.03
N LEU B 140 7.73 23.40 0.95
CA LEU B 140 8.81 24.38 0.92
C LEU B 140 8.38 25.74 1.44
N ALA B 141 7.21 26.19 1.01
CA ALA B 141 6.66 27.44 1.54
C ALA B 141 6.58 27.38 3.06
N ALA B 142 6.23 26.21 3.58
CA ALA B 142 6.04 26.01 5.01
C ALA B 142 7.30 26.29 5.83
N LEU B 143 8.44 26.34 5.16
CA LEU B 143 9.72 26.52 5.83
C LEU B 143 10.02 28.00 6.10
N PRO B 144 10.93 28.26 7.05
CA PRO B 144 11.42 29.61 7.37
C PRO B 144 12.45 30.09 6.36
N ASP B 145 12.52 31.39 6.12
CA ASP B 145 13.54 31.96 5.24
C ASP B 145 14.91 31.43 5.64
N GLU B 146 15.02 31.09 6.92
CA GLU B 146 16.25 30.53 7.46
C GLU B 146 16.58 29.17 6.86
N THR B 147 15.71 28.19 7.08
CA THR B 147 15.95 26.82 6.62
C THR B 147 15.68 26.67 5.13
N LEU B 148 15.10 27.70 4.52
CA LEU B 148 14.81 27.69 3.10
C LEU B 148 16.06 27.41 2.27
N GLN B 149 17.10 28.19 2.52
CA GLN B 149 18.33 28.09 1.73
C GLN B 149 19.04 26.78 1.96
N ALA B 150 18.82 26.17 3.12
CA ALA B 150 19.38 24.85 3.42
C ALA B 150 18.79 23.81 2.47
N ALA B 151 17.69 24.18 1.82
CA ALA B 151 17.04 23.32 0.84
C ALA B 151 17.38 23.78 -0.57
N LEU B 152 17.19 25.07 -0.84
CA LEU B 152 17.51 25.63 -2.14
C LEU B 152 19.01 25.97 -2.20
N GLY B 153 19.83 24.95 -2.38
CA GLY B 153 21.28 25.11 -2.30
C GLY B 153 22.03 25.40 -3.58
N GLU B 154 22.39 26.67 -3.77
CA GLU B 154 23.22 27.08 -4.89
C GLU B 154 22.62 27.00 -6.29
N GLN B 155 22.21 25.80 -6.69
CA GLN B 155 21.63 25.61 -8.02
C GLN B 155 20.68 24.41 -7.99
N LEU B 156 19.50 24.58 -8.61
CA LEU B 156 18.50 23.54 -8.66
C LEU B 156 18.78 22.54 -9.78
N PRO B 157 18.71 21.25 -9.45
CA PRO B 157 18.91 20.16 -10.42
C PRO B 157 17.74 20.05 -11.37
N VAL B 158 17.88 20.60 -12.58
CA VAL B 158 16.80 20.62 -13.56
C VAL B 158 16.44 19.22 -14.06
N LEU B 159 15.16 19.02 -14.38
CA LEU B 159 14.67 17.70 -14.77
C LEU B 159 13.93 17.68 -16.11
N THR B 160 13.56 18.84 -16.63
CA THR B 160 12.96 18.94 -17.96
C THR B 160 13.23 20.30 -18.60
N SER B 161 12.34 20.71 -19.49
CA SER B 161 12.43 22.02 -20.13
C SER B 161 11.40 22.98 -19.55
N ASN B 162 10.64 22.49 -18.56
CA ASN B 162 9.67 23.32 -17.86
C ASN B 162 10.06 23.56 -16.41
N THR B 163 10.98 22.73 -15.90
CA THR B 163 11.47 22.88 -14.53
C THR B 163 11.95 24.30 -14.27
N LEU B 164 11.75 24.78 -13.04
CA LEU B 164 12.05 26.17 -12.71
C LEU B 164 13.41 26.38 -12.05
N GLY B 165 13.91 27.61 -12.15
CA GLY B 165 15.15 27.99 -11.50
C GLY B 165 14.87 28.81 -10.24
N ARG B 166 15.89 29.04 -9.43
CA ARG B 166 15.72 29.70 -8.15
C ARG B 166 15.11 31.10 -8.23
N LYS B 167 15.22 31.73 -9.40
CA LYS B 167 14.71 33.09 -9.57
C LYS B 167 13.25 33.12 -10.01
N ALA B 168 12.67 31.95 -10.24
CA ALA B 168 11.26 31.84 -10.58
C ALA B 168 10.52 31.03 -9.50
N LEU B 169 11.22 30.04 -8.96
CA LEU B 169 10.67 29.24 -7.88
C LEU B 169 10.13 30.13 -6.78
N VAL B 170 11.02 30.89 -6.13
CA VAL B 170 10.62 31.80 -5.05
C VAL B 170 9.41 32.63 -5.44
N LYS B 171 9.44 33.17 -6.67
CA LYS B 171 8.31 33.90 -7.23
C LYS B 171 7.03 33.13 -6.96
N GLN B 172 6.99 31.88 -7.40
CA GLN B 172 5.84 31.03 -7.11
C GLN B 172 5.58 30.92 -5.61
N LEU B 173 6.63 30.58 -4.87
CA LEU B 173 6.53 30.32 -3.44
C LEU B 173 5.79 31.41 -2.65
N SER B 174 6.08 32.66 -2.96
CA SER B 174 5.42 33.76 -2.25
C SER B 174 3.89 33.71 -2.39
N GLU B 175 3.41 32.96 -3.37
CA GLU B 175 1.98 32.87 -3.64
C GLU B 175 1.31 31.69 -2.92
N VAL B 176 2.06 30.61 -2.71
CA VAL B 176 1.50 29.42 -2.06
C VAL B 176 1.35 29.63 -0.56
N ARG B 177 1.58 30.86 -0.11
CA ARG B 177 1.29 31.22 1.27
C ARG B 177 0.08 32.15 1.31
N GLN B 178 -0.37 32.54 0.13
CA GLN B 178 -1.58 33.36 -0.02
C GLN B 178 -2.78 32.47 -0.31
N SER B 179 -2.57 31.45 -1.15
CA SER B 179 -3.63 30.51 -1.49
C SER B 179 -3.48 29.21 -0.70
N GLY B 180 -2.25 28.75 -0.56
CA GLY B 180 -1.97 27.55 0.21
C GLY B 180 -1.84 26.30 -0.65
N VAL B 181 -2.26 26.40 -1.91
CA VAL B 181 -2.16 25.27 -2.82
C VAL B 181 -1.06 25.49 -3.85
N ALA B 182 -0.21 24.48 -4.01
CA ALA B 182 0.89 24.55 -4.98
C ALA B 182 0.57 23.77 -6.23
N SER B 183 1.25 24.10 -7.33
CA SER B 183 0.98 23.50 -8.61
C SER B 183 2.27 23.27 -9.39
N ASP B 184 2.44 22.06 -9.91
CA ASP B 184 3.55 21.80 -10.83
C ASP B 184 3.04 21.28 -12.17
N LEU B 185 3.32 22.04 -13.22
CA LEU B 185 2.88 21.69 -14.56
C LEU B 185 4.06 21.18 -15.38
N ASP B 186 4.24 19.86 -15.41
CA ASP B 186 5.31 19.23 -16.16
C ASP B 186 6.69 19.63 -15.63
N GLU B 187 6.71 20.34 -14.51
CA GLU B 187 7.94 20.84 -13.91
C GLU B 187 8.74 19.72 -13.25
N HIS B 188 8.38 18.47 -13.54
CA HIS B 188 9.12 17.31 -13.08
C HIS B 188 9.16 16.26 -14.19
N ILE B 189 7.99 15.95 -14.73
CA ILE B 189 7.89 14.95 -15.80
C ILE B 189 6.96 15.40 -16.91
N ASP B 190 7.42 15.28 -18.15
CA ASP B 190 6.66 15.74 -19.32
C ASP B 190 5.30 15.07 -19.43
N GLY B 191 4.25 15.88 -19.47
CA GLY B 191 2.90 15.38 -19.59
C GLY B 191 2.24 15.12 -18.25
N VAL B 192 2.99 15.37 -17.18
CA VAL B 192 2.50 15.09 -15.84
C VAL B 192 2.44 16.33 -14.96
N SER B 193 1.24 16.67 -14.50
CA SER B 193 1.05 17.78 -13.57
C SER B 193 0.60 17.26 -12.21
N SER B 194 0.78 18.08 -11.18
CA SER B 194 0.33 17.70 -9.83
C SER B 194 -0.09 18.93 -9.03
N PHE B 195 -1.14 18.76 -8.22
CA PHE B 195 -1.65 19.84 -7.41
C PHE B 195 -1.57 19.45 -5.93
N ALA B 196 -0.87 20.25 -5.13
CA ALA B 196 -0.67 19.88 -3.74
C ALA B 196 -1.21 20.91 -2.77
N THR B 197 -1.32 20.52 -1.50
CA THR B 197 -1.56 21.46 -0.42
C THR B 197 -0.96 20.94 0.89
N LEU B 198 -0.82 21.87 1.84
CA LEU B 198 -0.10 21.61 3.07
C LEU B 198 -1.00 21.05 4.16
N LEU B 199 -0.47 20.09 4.90
CA LEU B 199 -1.17 19.53 6.03
C LEU B 199 -0.39 19.85 7.30
N ASP B 200 -0.93 20.79 8.08
CA ASP B 200 -0.26 21.23 9.30
C ASP B 200 -0.73 20.44 10.51
N THR B 201 -0.16 19.25 10.71
CA THR B 201 -0.61 18.36 11.77
C THR B 201 0.10 18.58 13.11
N TYR B 202 -0.37 17.89 14.15
CA TYR B 202 0.32 17.93 15.43
C TYR B 202 1.58 17.10 15.34
N LEU B 203 1.67 16.30 14.29
CA LEU B 203 2.87 15.52 14.03
C LEU B 203 3.88 16.33 13.22
N GLY B 204 3.38 17.27 12.42
CA GLY B 204 4.25 18.17 11.68
C GLY B 204 3.61 18.76 10.44
N TYR B 205 4.41 18.90 9.38
CA TYR B 205 3.91 19.34 8.10
C TYR B 205 4.03 18.19 7.11
N TYR B 206 2.99 17.98 6.33
CA TYR B 206 3.04 16.96 5.29
C TYR B 206 2.45 17.50 3.98
N SER B 207 2.70 16.81 2.88
CA SER B 207 2.21 17.25 1.59
C SER B 207 1.16 16.29 1.05
N LEU B 208 -0.01 16.85 0.72
CA LEU B 208 -1.07 16.06 0.10
C LEU B 208 -1.35 16.52 -1.31
N ALA B 209 -1.13 15.65 -2.29
CA ALA B 209 -1.22 16.05 -3.69
C ALA B 209 -1.99 15.08 -4.59
N ILE B 210 -2.52 15.64 -5.68
CA ILE B 210 -3.10 14.87 -6.77
C ILE B 210 -2.12 14.85 -7.93
N VAL B 211 -1.75 13.64 -8.35
CA VAL B 211 -0.83 13.46 -9.46
C VAL B 211 -1.62 13.01 -10.68
N MET B 212 -1.49 13.72 -11.79
CA MET B 212 -2.33 13.44 -12.95
C MET B 212 -1.67 13.79 -14.29
N PRO B 213 -2.25 13.28 -15.39
CA PRO B 213 -1.83 13.60 -16.75
C PRO B 213 -2.28 15.00 -17.16
N SER B 214 -1.34 15.88 -17.46
CA SER B 214 -1.64 17.27 -17.78
C SER B 214 -2.82 17.41 -18.74
N SER B 215 -3.00 16.39 -19.58
CA SER B 215 -4.18 16.30 -20.44
C SER B 215 -5.48 16.60 -19.71
N ARG B 216 -5.81 15.76 -18.73
CA ARG B 216 -7.00 15.96 -17.91
C ARG B 216 -6.84 17.18 -17.02
N ALA B 217 -5.60 17.51 -16.68
CA ALA B 217 -5.30 18.63 -15.77
C ALA B 217 -5.78 19.96 -16.33
N SER B 218 -5.69 20.10 -17.65
CA SER B 218 -6.16 21.32 -18.31
C SER B 218 -7.65 21.54 -18.04
N LYS B 219 -8.44 20.50 -18.29
CA LYS B 219 -9.90 20.58 -18.12
C LYS B 219 -10.27 20.83 -16.66
N GLN B 220 -10.01 19.86 -15.81
CA GLN B 220 -10.36 19.94 -14.40
C GLN B 220 -9.30 20.67 -13.58
N SER B 221 -9.68 21.80 -13.01
CA SER B 221 -8.76 22.59 -12.19
C SER B 221 -9.46 23.13 -10.95
N ASP B 222 -10.38 24.07 -11.15
CA ASP B 222 -11.16 24.65 -10.07
C ASP B 222 -11.65 23.58 -9.09
N LEU B 223 -12.43 22.65 -9.61
CA LEU B 223 -13.00 21.57 -8.81
C LEU B 223 -11.94 20.81 -8.00
N ILE B 224 -10.82 20.48 -8.63
CA ILE B 224 -9.75 19.75 -7.97
C ILE B 224 -9.12 20.55 -6.84
N LYS B 225 -8.85 21.83 -7.10
CA LYS B 225 -8.28 22.69 -6.08
C LYS B 225 -9.21 22.79 -4.89
N LYS B 226 -10.47 23.14 -5.14
CA LYS B 226 -11.45 23.24 -4.07
C LYS B 226 -11.54 21.92 -3.29
N ALA B 227 -11.43 20.81 -4.02
CA ALA B 227 -11.43 19.50 -3.40
C ALA B 227 -10.27 19.35 -2.41
N LEU B 228 -9.05 19.35 -2.93
CA LEU B 228 -7.86 19.26 -2.10
C LEU B 228 -7.98 20.16 -0.88
N LEU B 229 -8.56 21.34 -1.07
CA LEU B 229 -8.71 22.29 0.03
C LEU B 229 -9.71 21.78 1.09
N GLN B 230 -10.81 21.21 0.61
CA GLN B 230 -11.80 20.62 1.52
C GLN B 230 -11.15 19.48 2.31
N SER B 231 -10.57 18.52 1.62
CA SER B 231 -9.82 17.46 2.28
C SER B 231 -8.88 18.03 3.32
N LYS B 232 -8.22 19.13 2.96
CA LYS B 232 -7.30 19.80 3.87
C LYS B 232 -8.01 20.19 5.15
N LEU B 233 -9.15 20.86 5.01
CA LEU B 233 -9.88 21.33 6.19
C LEU B 233 -10.37 20.17 7.05
N ASN B 234 -10.82 19.09 6.42
CA ASN B 234 -11.23 17.89 7.15
C ASN B 234 -10.12 17.31 8.00
N ILE B 235 -9.06 16.85 7.32
CA ILE B 235 -7.90 16.31 8.01
C ILE B 235 -7.39 17.27 9.10
N GLU B 236 -7.32 18.56 8.76
CA GLU B 236 -6.84 19.58 9.68
C GLU B 236 -7.70 19.60 10.94
N ARG B 237 -9.01 19.52 10.77
CA ARG B 237 -9.94 19.52 11.88
C ARG B 237 -9.78 18.27 12.74
N ALA B 238 -9.43 17.16 12.08
CA ALA B 238 -9.34 15.88 12.78
C ALA B 238 -7.96 15.63 13.41
N ILE B 239 -6.93 16.30 12.92
CA ILE B 239 -5.57 15.97 13.35
C ILE B 239 -4.58 17.13 13.32
N GLY B 240 -5.05 18.30 12.91
CA GLY B 240 -4.20 19.48 12.88
C GLY B 240 -3.87 19.91 14.30
N ARG B 241 -3.20 21.04 14.44
CA ARG B 241 -2.90 21.55 15.77
C ARG B 241 -3.28 22.99 16.08
N GLN C 3 -29.38 -27.01 -16.24
CA GLN C 3 -30.54 -26.13 -16.04
C GLN C 3 -30.58 -25.27 -14.74
N VAL C 4 -29.68 -25.53 -13.79
CA VAL C 4 -29.49 -24.60 -12.68
C VAL C 4 -28.32 -23.75 -13.10
N ILE C 5 -27.49 -24.36 -13.93
CA ILE C 5 -26.38 -23.70 -14.57
C ILE C 5 -26.83 -22.35 -15.12
N ALA C 6 -27.99 -22.33 -15.76
CA ALA C 6 -28.53 -21.09 -16.30
C ALA C 6 -28.51 -20.02 -15.23
N ARG C 7 -28.97 -20.39 -14.03
CA ARG C 7 -28.99 -19.49 -12.89
C ARG C 7 -27.59 -19.02 -12.54
N ALA C 8 -26.73 -19.97 -12.19
CA ALA C 8 -25.34 -19.65 -11.87
C ALA C 8 -24.80 -18.61 -12.83
N ALA C 9 -25.04 -18.81 -14.11
CA ALA C 9 -24.48 -17.94 -15.12
C ALA C 9 -25.14 -16.55 -15.15
N SER C 10 -26.46 -16.49 -15.02
CA SER C 10 -27.12 -15.19 -14.93
C SER C 10 -26.50 -14.41 -13.77
N ILE C 11 -26.16 -15.15 -12.72
CA ILE C 11 -25.44 -14.60 -11.58
C ILE C 11 -24.07 -14.07 -12.00
N MET C 12 -23.31 -14.90 -12.70
CA MET C 12 -22.01 -14.52 -13.23
C MET C 12 -22.11 -13.18 -13.93
N ARG C 13 -22.82 -13.17 -15.05
CA ARG C 13 -23.09 -11.95 -15.79
C ARG C 13 -23.39 -10.81 -14.84
N ALA C 14 -24.37 -10.99 -13.96
CA ALA C 14 -24.71 -9.95 -12.99
C ALA C 14 -23.45 -9.36 -12.36
N LEU C 15 -22.64 -10.23 -11.77
CA LEU C 15 -21.42 -9.79 -11.10
C LEU C 15 -20.56 -9.01 -12.07
N GLY C 16 -20.33 -9.59 -13.24
CA GLY C 16 -19.53 -8.96 -14.28
C GLY C 16 -19.95 -7.54 -14.57
N SER C 17 -21.25 -7.32 -14.72
CA SER C 17 -21.79 -6.02 -15.06
C SER C 17 -21.48 -4.94 -14.01
N HIS C 18 -21.19 -5.39 -12.79
CA HIS C 18 -20.85 -4.46 -11.70
C HIS C 18 -19.49 -4.82 -11.11
N PRO C 19 -18.41 -4.44 -11.80
CA PRO C 19 -17.08 -4.94 -11.46
C PRO C 19 -16.71 -4.62 -10.02
N HIS C 20 -17.36 -3.61 -9.44
CA HIS C 20 -16.99 -3.14 -8.12
C HIS C 20 -17.51 -4.06 -7.01
N GLY C 21 -18.49 -4.89 -7.34
CA GLY C 21 -18.92 -5.94 -6.42
C GLY C 21 -20.36 -5.84 -5.95
N LEU C 22 -20.95 -7.00 -5.69
CA LEU C 22 -22.33 -7.08 -5.23
C LEU C 22 -22.50 -7.93 -3.98
N SER C 23 -23.67 -7.82 -3.37
CA SER C 23 -24.01 -8.62 -2.20
C SER C 23 -25.09 -9.61 -2.56
N LEU C 24 -25.13 -10.72 -1.84
CA LEU C 24 -26.15 -11.73 -2.05
C LEU C 24 -27.47 -11.00 -2.25
N ALA C 25 -27.76 -10.07 -1.35
CA ALA C 25 -28.94 -9.21 -1.48
C ALA C 25 -29.06 -8.60 -2.87
N ALA C 26 -28.09 -7.77 -3.22
CA ALA C 26 -28.11 -7.05 -4.49
C ALA C 26 -28.17 -7.98 -5.70
N ILE C 27 -27.41 -9.08 -5.64
CA ILE C 27 -27.34 -10.01 -6.75
C ILE C 27 -28.72 -10.61 -6.95
N ALA C 28 -29.26 -11.12 -5.85
CA ALA C 28 -30.56 -11.74 -5.80
C ALA C 28 -31.67 -10.81 -6.23
N GLN C 29 -31.48 -9.51 -6.06
CA GLN C 29 -32.44 -8.55 -6.58
C GLN C 29 -32.24 -8.32 -8.08
N LEU C 30 -31.01 -8.43 -8.54
CA LEU C 30 -30.71 -8.19 -9.96
C LEU C 30 -31.20 -9.33 -10.84
N VAL C 31 -31.03 -10.56 -10.36
CA VAL C 31 -31.65 -11.72 -10.98
C VAL C 31 -32.86 -12.06 -10.12
N GLY C 32 -33.89 -12.64 -10.70
CA GLY C 32 -35.12 -12.87 -9.97
C GLY C 32 -35.09 -14.02 -8.99
N LEU C 33 -33.95 -14.22 -8.33
CA LEU C 33 -33.80 -15.36 -7.45
C LEU C 33 -33.84 -15.00 -5.97
N PRO C 34 -34.22 -15.96 -5.13
CA PRO C 34 -34.27 -15.83 -3.66
C PRO C 34 -32.88 -15.77 -3.04
N ARG C 35 -32.71 -14.97 -1.99
CA ARG C 35 -31.39 -14.84 -1.36
C ARG C 35 -30.75 -16.18 -1.02
N SER C 36 -31.52 -17.12 -0.52
CA SER C 36 -30.97 -18.40 -0.09
C SER C 36 -30.39 -19.16 -1.27
N THR C 37 -31.10 -19.11 -2.38
CA THR C 37 -30.66 -19.78 -3.60
C THR C 37 -29.36 -19.16 -4.06
N VAL C 38 -29.39 -17.84 -4.26
CA VAL C 38 -28.18 -17.10 -4.58
C VAL C 38 -27.03 -17.60 -3.71
N GLN C 39 -27.17 -17.43 -2.41
CA GLN C 39 -26.27 -18.01 -1.42
C GLN C 39 -25.66 -19.37 -1.82
N ARG C 40 -26.50 -20.38 -2.00
CA ARG C 40 -26.01 -21.71 -2.34
C ARG C 40 -25.19 -21.71 -3.63
N ILE C 41 -25.61 -20.89 -4.59
CA ILE C 41 -24.95 -20.87 -5.89
C ILE C 41 -23.59 -20.20 -5.81
N ILE C 42 -23.58 -19.01 -5.23
CA ILE C 42 -22.35 -18.29 -4.95
C ILE C 42 -21.33 -19.19 -4.30
N ASN C 43 -21.69 -19.86 -3.20
CA ASN C 43 -20.76 -20.81 -2.61
C ASN C 43 -20.35 -21.91 -3.59
N ALA C 44 -21.32 -22.41 -4.34
CA ALA C 44 -21.04 -23.47 -5.31
C ALA C 44 -19.99 -23.03 -6.30
N LEU C 45 -19.87 -21.73 -6.53
CA LEU C 45 -18.91 -21.20 -7.48
C LEU C 45 -17.58 -20.81 -6.83
N GLU C 46 -17.67 -20.22 -5.65
CA GLU C 46 -16.51 -19.87 -4.84
C GLU C 46 -15.71 -21.13 -4.57
N GLU C 47 -16.39 -22.26 -4.64
CA GLU C 47 -15.74 -23.55 -4.49
C GLU C 47 -14.77 -23.77 -5.64
N GLU C 48 -15.04 -23.09 -6.75
CA GLU C 48 -14.25 -23.27 -7.96
C GLU C 48 -13.51 -22.01 -8.36
N PHE C 49 -13.38 -21.08 -7.43
CA PHE C 49 -12.71 -19.81 -7.74
C PHE C 49 -13.34 -19.13 -8.95
N LEU C 50 -14.61 -19.42 -9.19
CA LEU C 50 -15.37 -18.74 -10.23
C LEU C 50 -15.92 -17.44 -9.70
N VAL C 51 -15.89 -17.29 -8.39
CA VAL C 51 -16.19 -16.02 -7.73
C VAL C 51 -15.35 -15.88 -6.49
N GLU C 52 -15.27 -14.65 -5.98
CA GLU C 52 -14.40 -14.30 -4.87
C GLU C 52 -15.19 -13.55 -3.81
N ALA C 53 -14.97 -13.94 -2.55
CA ALA C 53 -15.46 -13.16 -1.43
C ALA C 53 -14.69 -11.86 -1.40
N LEU C 54 -15.36 -10.77 -1.04
CA LEU C 54 -14.73 -9.46 -1.09
C LEU C 54 -14.54 -8.86 0.30
N GLY C 55 -13.78 -9.57 1.15
CA GLY C 55 -13.51 -9.09 2.49
C GLY C 55 -14.68 -9.25 3.45
N PRO C 56 -14.39 -9.24 4.77
CA PRO C 56 -15.34 -9.44 5.87
C PRO C 56 -16.67 -8.71 5.68
N ALA C 57 -16.63 -7.46 5.25
CA ALA C 57 -17.86 -6.74 4.91
C ALA C 57 -18.51 -7.35 3.68
N GLY C 58 -19.73 -6.94 3.38
CA GLY C 58 -20.46 -7.52 2.27
C GLY C 58 -19.81 -7.32 0.92
N GLY C 59 -19.39 -8.41 0.29
CA GLY C 59 -18.86 -8.32 -1.06
C GLY C 59 -18.71 -9.63 -1.81
N PHE C 60 -19.03 -9.63 -3.09
CA PHE C 60 -18.70 -10.74 -3.98
C PHE C 60 -18.37 -10.27 -5.40
N ARG C 61 -17.26 -10.76 -5.95
CA ARG C 61 -16.84 -10.39 -7.29
C ARG C 61 -16.52 -11.66 -8.09
N LEU C 62 -16.15 -11.52 -9.36
CA LEU C 62 -15.76 -12.70 -10.13
C LEU C 62 -14.45 -13.32 -9.63
N GLY C 63 -14.25 -14.60 -9.94
CA GLY C 63 -13.10 -15.32 -9.44
C GLY C 63 -11.94 -15.44 -10.42
N PRO C 64 -10.78 -15.87 -9.91
CA PRO C 64 -9.55 -16.06 -10.70
C PRO C 64 -9.71 -17.11 -11.79
N ALA C 65 -10.32 -18.25 -11.45
CA ALA C 65 -10.53 -19.33 -12.42
C ALA C 65 -10.98 -18.77 -13.76
N LEU C 66 -11.77 -17.71 -13.70
CA LEU C 66 -12.27 -17.05 -14.88
C LEU C 66 -11.12 -16.57 -15.77
N GLY C 67 -10.09 -16.01 -15.14
CA GLY C 67 -8.93 -15.53 -15.87
C GLY C 67 -8.03 -16.69 -16.26
N GLN C 68 -7.86 -17.64 -15.35
CA GLN C 68 -7.04 -18.80 -15.61
C GLN C 68 -7.48 -19.51 -16.88
N LEU C 69 -8.78 -19.60 -17.07
CA LEU C 69 -9.33 -20.33 -18.20
C LEU C 69 -9.31 -19.49 -19.46
N ILE C 70 -8.30 -18.64 -19.60
CA ILE C 70 -8.16 -17.86 -20.82
C ILE C 70 -6.74 -17.93 -21.34
N ASN C 71 -5.78 -17.99 -20.42
CA ASN C 71 -4.43 -18.33 -20.81
C ASN C 71 -4.47 -19.74 -21.37
N GLN C 72 -5.41 -20.53 -20.86
CA GLN C 72 -5.65 -21.87 -21.37
C GLN C 72 -6.54 -21.79 -22.61
N ALA C 73 -7.57 -20.95 -22.53
CA ALA C 73 -8.51 -20.76 -23.64
C ALA C 73 -7.81 -20.86 -24.98
N GLN C 74 -6.79 -20.04 -25.18
CA GLN C 74 -5.93 -20.14 -26.34
C GLN C 74 -4.46 -20.06 -25.93
N THR C 75 -3.93 -21.17 -25.44
CA THR C 75 -2.51 -21.22 -25.07
C THR C 75 -1.67 -21.47 -26.31
N ASP C 76 -2.15 -20.97 -27.45
CA ASP C 76 -1.45 -21.12 -28.72
C ASP C 76 -0.87 -19.79 -29.17
N ILE C 77 -1.72 -18.93 -29.74
CA ILE C 77 -1.29 -17.62 -30.23
C ILE C 77 -0.55 -16.84 -29.16
N LEU C 78 -0.97 -17.01 -27.91
CA LEU C 78 -0.30 -16.34 -26.80
C LEU C 78 1.06 -16.96 -26.55
N SER C 79 1.11 -18.28 -26.61
CA SER C 79 2.34 -19.02 -26.32
C SER C 79 3.44 -18.83 -27.36
N LEU C 80 3.11 -18.20 -28.48
CA LEU C 80 4.09 -17.95 -29.52
C LEU C 80 4.32 -16.46 -29.77
N VAL C 81 3.25 -15.68 -29.64
CA VAL C 81 3.34 -14.23 -29.83
C VAL C 81 3.94 -13.53 -28.59
N LYS C 82 3.94 -14.21 -27.45
CA LYS C 82 4.44 -13.61 -26.21
C LYS C 82 5.86 -13.07 -26.34
N PRO C 83 6.79 -13.87 -26.91
CA PRO C 83 8.17 -13.37 -27.10
C PRO C 83 8.21 -12.09 -27.92
N TYR C 84 7.59 -12.14 -29.10
CA TYR C 84 7.56 -10.99 -30.00
C TYR C 84 7.03 -9.75 -29.29
N LEU C 85 5.97 -9.94 -28.51
CA LEU C 85 5.42 -8.84 -27.73
C LEU C 85 6.43 -8.34 -26.71
N ARG C 86 7.22 -9.25 -26.16
CA ARG C 86 8.27 -8.86 -25.21
C ARG C 86 9.29 -7.96 -25.88
N SER C 87 9.92 -8.47 -26.95
CA SER C 87 10.91 -7.70 -27.68
C SER C 87 10.37 -6.34 -28.09
N LEU C 88 9.20 -6.35 -28.72
CA LEU C 88 8.58 -5.12 -29.21
C LEU C 88 8.21 -4.18 -28.06
N ALA C 89 8.00 -4.74 -26.88
CA ALA C 89 7.65 -3.96 -25.70
C ALA C 89 8.90 -3.32 -25.09
N GLU C 90 10.04 -3.97 -25.29
CA GLU C 90 11.30 -3.46 -24.76
C GLU C 90 11.87 -2.41 -25.71
N GLU C 91 11.66 -2.59 -27.00
CA GLU C 91 12.17 -1.67 -28.01
C GLU C 91 11.56 -0.28 -27.89
N LEU C 92 10.27 -0.17 -28.21
CA LEU C 92 9.56 1.10 -28.10
C LEU C 92 9.32 1.47 -26.64
N ASP C 93 9.42 0.48 -25.75
CA ASP C 93 9.24 0.71 -24.33
C ASP C 93 7.85 1.28 -24.04
N GLU C 94 6.86 0.85 -24.82
CA GLU C 94 5.48 1.30 -24.65
C GLU C 94 4.57 0.14 -24.26
N SER C 95 3.28 0.44 -24.13
CA SER C 95 2.30 -0.58 -23.74
C SER C 95 1.73 -1.30 -24.95
N VAL C 96 2.14 -2.54 -25.16
CA VAL C 96 1.72 -3.29 -26.35
C VAL C 96 0.43 -4.08 -26.10
N SER C 97 -0.38 -4.23 -27.14
CA SER C 97 -1.66 -4.92 -26.99
C SER C 97 -1.98 -5.86 -28.14
N LEU C 98 -2.10 -7.14 -27.83
CA LEU C 98 -2.59 -8.13 -28.76
C LEU C 98 -4.08 -8.28 -28.54
N ALA C 99 -4.88 -7.88 -29.53
CA ALA C 99 -6.33 -7.92 -29.37
C ALA C 99 -7.04 -8.63 -30.52
N SER C 100 -8.10 -9.38 -30.19
CA SER C 100 -8.96 -9.97 -31.20
C SER C 100 -10.24 -9.17 -31.24
N LEU C 101 -11.15 -9.54 -32.13
CA LEU C 101 -12.39 -8.81 -32.26
C LEU C 101 -13.62 -9.61 -31.82
N ALA C 102 -14.46 -8.97 -31.03
CA ALA C 102 -15.73 -9.55 -30.64
C ALA C 102 -16.80 -8.48 -30.73
N GLY C 103 -17.70 -8.62 -31.70
CA GLY C 103 -18.74 -7.64 -31.91
C GLY C 103 -18.13 -6.26 -32.12
N ASP C 104 -18.87 -5.23 -31.72
CA ASP C 104 -18.42 -3.86 -31.94
C ASP C 104 -17.32 -3.43 -30.98
N LYS C 105 -16.76 -4.40 -30.25
CA LYS C 105 -15.68 -4.10 -29.32
C LYS C 105 -14.56 -5.12 -29.44
N ILE C 106 -13.35 -4.70 -29.07
CA ILE C 106 -12.18 -5.57 -29.22
C ILE C 106 -11.88 -6.36 -27.95
N TYR C 107 -11.76 -7.67 -28.11
CA TYR C 107 -11.43 -8.56 -27.01
C TYR C 107 -9.91 -8.63 -26.87
N VAL C 108 -9.39 -7.94 -25.89
CA VAL C 108 -7.95 -7.91 -25.63
C VAL C 108 -7.44 -9.27 -25.16
N LEU C 109 -6.64 -9.92 -25.99
CA LEU C 109 -6.10 -11.22 -25.61
C LEU C 109 -4.90 -11.10 -24.68
N ASP C 110 -4.04 -10.12 -24.94
CA ASP C 110 -2.89 -9.89 -24.07
C ASP C 110 -2.43 -8.43 -24.12
N ARG C 111 -1.68 -8.03 -23.09
CA ARG C 111 -1.11 -6.69 -23.02
C ARG C 111 0.20 -6.73 -22.25
N ILE C 112 1.09 -5.78 -22.52
CA ILE C 112 2.25 -5.54 -21.66
C ILE C 112 2.39 -4.06 -21.41
N VAL C 113 2.33 -3.69 -20.14
CA VAL C 113 2.35 -2.29 -19.76
C VAL C 113 3.76 -1.73 -19.76
N SER C 114 3.90 -0.52 -20.27
CA SER C 114 5.18 0.19 -20.21
C SER C 114 5.55 0.43 -18.76
N GLU C 115 6.84 0.37 -18.46
CA GLU C 115 7.30 0.63 -17.10
C GLU C 115 7.49 2.12 -16.86
N ARG C 116 7.01 2.93 -17.81
CA ARG C 116 7.17 4.37 -17.74
C ARG C 116 6.25 4.98 -16.67
N GLU C 117 6.59 6.18 -16.21
CA GLU C 117 5.80 6.84 -15.18
C GLU C 117 4.38 7.06 -15.68
N LEU C 118 4.25 7.88 -16.71
CA LEU C 118 2.97 8.12 -17.34
C LEU C 118 2.66 7.00 -18.32
N ARG C 119 1.95 5.98 -17.83
CA ARG C 119 1.64 4.82 -18.64
C ARG C 119 0.16 4.76 -19.01
N VAL C 120 -0.21 3.74 -19.80
CA VAL C 120 -1.59 3.54 -20.19
C VAL C 120 -1.96 2.06 -20.13
N VAL C 121 -2.92 1.73 -19.28
CA VAL C 121 -3.33 0.34 -19.11
C VAL C 121 -4.77 0.11 -19.54
N PHE C 122 -5.04 -1.10 -19.99
CA PHE C 122 -6.39 -1.52 -20.35
C PHE C 122 -6.44 -3.03 -20.21
N PRO C 123 -7.05 -3.52 -19.11
CA PRO C 123 -6.96 -4.89 -18.64
C PRO C 123 -7.11 -5.96 -19.73
N ILE C 124 -6.52 -7.12 -19.49
CA ILE C 124 -6.69 -8.27 -20.37
C ILE C 124 -8.17 -8.50 -20.59
N GLY C 125 -8.57 -8.66 -21.85
CA GLY C 125 -9.96 -8.89 -22.18
C GLY C 125 -10.79 -7.63 -22.32
N ILE C 126 -10.41 -6.59 -21.58
CA ILE C 126 -11.17 -5.34 -21.52
C ILE C 126 -11.82 -5.05 -22.87
N ASN C 127 -13.11 -4.69 -22.83
CA ASN C 127 -13.83 -4.46 -24.06
C ASN C 127 -14.06 -2.98 -24.38
N VAL C 128 -13.53 -2.58 -25.53
CA VAL C 128 -13.66 -1.21 -26.03
C VAL C 128 -14.08 -1.23 -27.50
N PRO C 129 -15.08 -0.40 -27.85
CA PRO C 129 -15.62 -0.31 -29.21
C PRO C 129 -14.51 -0.20 -30.26
N ALA C 130 -14.53 -1.12 -31.22
CA ALA C 130 -13.50 -1.18 -32.24
C ALA C 130 -13.55 0.02 -33.17
N ALA C 131 -14.66 0.75 -33.13
CA ALA C 131 -14.84 1.94 -33.96
C ALA C 131 -14.10 3.16 -33.43
N ALA C 132 -13.29 2.97 -32.39
CA ALA C 132 -12.57 4.08 -31.79
C ALA C 132 -11.13 3.78 -31.35
N THR C 133 -10.72 2.53 -31.42
CA THR C 133 -9.34 2.17 -31.13
C THR C 133 -8.65 1.63 -32.38
N ALA C 134 -7.36 1.94 -32.52
CA ALA C 134 -6.60 1.53 -33.69
C ALA C 134 -6.79 0.05 -33.99
N ALA C 135 -6.48 -0.79 -33.01
CA ALA C 135 -6.64 -2.22 -33.14
C ALA C 135 -8.00 -2.53 -33.75
N GLY C 136 -9.00 -1.78 -33.31
CA GLY C 136 -10.36 -1.97 -33.77
C GLY C 136 -10.54 -1.65 -35.23
N LYS C 137 -10.10 -0.46 -35.63
CA LYS C 137 -10.13 -0.06 -37.04
C LYS C 137 -9.48 -1.13 -37.89
N VAL C 138 -8.27 -1.53 -37.51
CA VAL C 138 -7.54 -2.56 -38.24
C VAL C 138 -8.37 -3.83 -38.36
N LEU C 139 -8.92 -4.29 -37.26
CA LEU C 139 -9.71 -5.53 -37.28
C LEU C 139 -10.95 -5.41 -38.16
N LEU C 140 -11.49 -4.19 -38.28
CA LEU C 140 -12.65 -3.95 -39.12
C LEU C 140 -12.28 -3.96 -40.60
N ALA C 141 -11.09 -3.42 -40.90
CA ALA C 141 -10.62 -3.35 -42.28
C ALA C 141 -10.66 -4.72 -42.95
N ALA C 142 -10.11 -5.72 -42.27
CA ALA C 142 -10.04 -7.08 -42.81
C ALA C 142 -11.36 -7.82 -42.61
N LEU C 143 -12.42 -7.28 -43.20
CA LEU C 143 -13.76 -7.86 -43.03
C LEU C 143 -14.62 -7.61 -44.27
N PRO C 144 -15.38 -8.64 -44.69
CA PRO C 144 -16.24 -8.55 -45.88
C PRO C 144 -17.01 -7.26 -45.93
N ASP C 145 -17.02 -6.61 -47.10
CA ASP C 145 -17.76 -5.38 -47.30
C ASP C 145 -19.25 -5.60 -46.96
N GLU C 146 -19.61 -6.85 -46.72
CA GLU C 146 -20.98 -7.21 -46.38
C GLU C 146 -21.16 -7.36 -44.87
N THR C 147 -20.16 -7.92 -44.20
CA THR C 147 -20.22 -8.13 -42.77
C THR C 147 -19.96 -6.84 -42.00
N LEU C 148 -18.96 -6.08 -42.49
CA LEU C 148 -18.51 -4.86 -41.82
C LEU C 148 -19.60 -3.80 -41.72
N GLN C 149 -20.60 -3.90 -42.58
CA GLN C 149 -21.74 -3.00 -42.52
C GLN C 149 -22.69 -3.45 -41.43
N ALA C 150 -22.84 -4.77 -41.30
CA ALA C 150 -23.70 -5.36 -40.27
C ALA C 150 -23.14 -5.09 -38.87
N ALA C 151 -21.81 -5.10 -38.76
CA ALA C 151 -21.16 -4.83 -37.48
C ALA C 151 -21.40 -3.39 -37.05
N LEU C 152 -22.02 -2.61 -37.93
CA LEU C 152 -22.31 -1.21 -37.66
C LEU C 152 -23.78 -0.89 -37.95
N GLY C 153 -24.68 -1.67 -37.36
CA GLY C 153 -26.10 -1.53 -37.61
C GLY C 153 -26.79 -0.53 -36.71
N GLU C 154 -26.00 0.33 -36.07
CA GLU C 154 -26.54 1.34 -35.18
C GLU C 154 -25.60 2.54 -35.12
N GLN C 155 -26.11 3.66 -34.62
CA GLN C 155 -25.29 4.85 -34.45
C GLN C 155 -24.03 4.50 -33.68
N LEU C 156 -22.90 4.55 -34.38
CA LEU C 156 -21.62 4.13 -33.82
C LEU C 156 -21.37 4.72 -32.45
N PRO C 157 -20.57 4.02 -31.63
CA PRO C 157 -20.19 4.57 -30.33
C PRO C 157 -19.53 5.93 -30.51
N VAL C 158 -19.83 6.86 -29.61
CA VAL C 158 -19.24 8.19 -29.64
C VAL C 158 -18.52 8.48 -28.33
N LEU C 159 -17.60 7.59 -27.97
CA LEU C 159 -16.92 7.61 -26.68
C LEU C 159 -16.20 8.94 -26.38
N THR C 160 -15.96 9.74 -27.41
CA THR C 160 -15.27 11.02 -27.22
C THR C 160 -15.75 12.10 -28.17
N SER C 161 -14.92 13.14 -28.31
CA SER C 161 -15.23 14.30 -29.13
C SER C 161 -14.78 14.11 -30.57
N ASN C 162 -13.52 13.71 -30.74
CA ASN C 162 -12.96 13.50 -32.06
C ASN C 162 -13.36 12.17 -32.66
N THR C 163 -14.33 11.49 -32.04
CA THR C 163 -14.82 10.23 -32.55
C THR C 163 -15.40 10.42 -33.95
N LEU C 164 -15.45 9.34 -34.72
CA LEU C 164 -15.81 9.42 -36.13
C LEU C 164 -17.29 9.16 -36.39
N GLY C 165 -17.78 9.70 -37.51
CA GLY C 165 -19.15 9.46 -37.95
C GLY C 165 -19.22 8.23 -38.83
N ARG C 166 -20.34 8.04 -39.53
CA ARG C 166 -20.51 6.87 -40.39
C ARG C 166 -19.62 6.96 -41.64
N LYS C 167 -19.98 7.86 -42.55
CA LYS C 167 -19.20 8.08 -43.77
C LYS C 167 -17.72 8.27 -43.41
N ALA C 168 -17.48 9.20 -42.50
CA ALA C 168 -16.14 9.47 -42.01
C ALA C 168 -15.36 8.19 -41.73
N LEU C 169 -16.05 7.20 -41.15
CA LEU C 169 -15.41 5.92 -40.83
C LEU C 169 -15.20 5.07 -42.07
N VAL C 170 -16.27 4.85 -42.83
CA VAL C 170 -16.19 4.08 -44.06
C VAL C 170 -15.00 4.54 -44.90
N LYS C 171 -14.67 5.83 -44.78
CA LYS C 171 -13.52 6.40 -45.48
C LYS C 171 -12.20 5.73 -45.04
N GLN C 172 -11.79 5.98 -43.80
CA GLN C 172 -10.55 5.41 -43.28
C GLN C 172 -10.51 3.89 -43.42
N LEU C 173 -11.69 3.26 -43.37
CA LEU C 173 -11.78 1.80 -43.46
C LEU C 173 -11.01 1.22 -44.64
N SER C 174 -10.88 2.01 -45.70
CA SER C 174 -10.11 1.58 -46.86
C SER C 174 -8.64 1.95 -46.69
N GLU C 175 -8.39 3.22 -46.35
CA GLU C 175 -7.04 3.71 -46.13
C GLU C 175 -6.23 2.70 -45.34
N VAL C 176 -6.81 2.18 -44.27
CA VAL C 176 -6.12 1.23 -43.42
C VAL C 176 -5.91 -0.11 -44.12
N ARG C 177 -6.85 -0.51 -44.96
CA ARG C 177 -6.67 -1.70 -45.78
C ARG C 177 -5.40 -1.54 -46.59
N GLN C 178 -5.28 -0.39 -47.25
CA GLN C 178 -4.09 -0.08 -48.04
C GLN C 178 -2.78 0.01 -47.28
N SER C 179 -2.64 1.05 -46.45
CA SER C 179 -1.39 1.31 -45.74
C SER C 179 -1.08 0.14 -44.81
N GLY C 180 -2.12 -0.58 -44.41
CA GLY C 180 -1.95 -1.74 -43.55
C GLY C 180 -1.94 -1.39 -42.07
N VAL C 181 -1.91 -0.09 -41.79
CA VAL C 181 -1.89 0.39 -40.40
C VAL C 181 -3.06 1.33 -40.13
N ALA C 182 -3.32 1.59 -38.86
CA ALA C 182 -4.41 2.48 -38.47
C ALA C 182 -4.06 3.31 -37.24
N SER C 183 -4.66 4.50 -37.16
CA SER C 183 -4.32 5.47 -36.13
C SER C 183 -5.53 5.88 -35.29
N ASP C 184 -5.24 6.38 -34.09
CA ASP C 184 -6.26 6.84 -33.17
C ASP C 184 -5.75 8.01 -32.36
N LEU C 185 -6.32 9.19 -32.60
CA LEU C 185 -5.95 10.42 -31.91
C LEU C 185 -7.13 10.98 -31.12
N ASP C 186 -7.12 10.78 -29.80
CA ASP C 186 -8.18 11.31 -28.93
C ASP C 186 -9.57 10.94 -29.43
N GLU C 187 -9.78 9.66 -29.73
CA GLU C 187 -11.06 9.20 -30.25
C GLU C 187 -11.65 8.12 -29.35
N HIS C 188 -10.78 7.45 -28.61
CA HIS C 188 -11.21 6.47 -27.62
C HIS C 188 -11.29 7.15 -26.26
N ILE C 189 -10.26 7.91 -25.93
CA ILE C 189 -10.19 8.64 -24.67
C ILE C 189 -9.38 9.90 -24.85
N ASP C 190 -9.95 11.04 -24.48
CA ASP C 190 -9.27 12.32 -24.61
C ASP C 190 -7.90 12.26 -23.93
N GLY C 191 -6.85 12.28 -24.75
CA GLY C 191 -5.49 12.25 -24.24
C GLY C 191 -4.71 11.03 -24.69
N VAL C 192 -5.42 10.03 -25.20
CA VAL C 192 -4.76 8.81 -25.62
C VAL C 192 -4.76 8.65 -27.13
N SER C 193 -3.70 8.05 -27.65
CA SER C 193 -3.59 7.73 -29.06
C SER C 193 -3.02 6.31 -29.20
N SER C 194 -3.52 5.59 -30.19
CA SER C 194 -3.12 4.19 -30.36
C SER C 194 -2.98 3.87 -31.84
N PHE C 195 -1.97 3.07 -32.17
CA PHE C 195 -1.73 2.71 -33.56
C PHE C 195 -1.70 1.19 -33.70
N ALA C 196 -2.14 0.67 -34.83
CA ALA C 196 -2.25 -0.77 -34.96
C ALA C 196 -1.98 -1.32 -36.35
N THR C 197 -1.49 -2.54 -36.40
CA THR C 197 -1.32 -3.26 -37.65
C THR C 197 -1.91 -4.65 -37.53
N LEU C 198 -2.45 -5.16 -38.64
CA LEU C 198 -3.12 -6.45 -38.67
C LEU C 198 -2.11 -7.60 -38.52
N LEU C 199 -2.63 -8.82 -38.40
CA LEU C 199 -1.80 -10.02 -38.34
C LEU C 199 -2.46 -11.19 -39.06
N ASP C 200 -2.56 -11.10 -40.38
CA ASP C 200 -3.19 -12.16 -41.17
C ASP C 200 -2.46 -13.45 -40.81
N THR C 201 -3.11 -14.32 -40.03
CA THR C 201 -2.50 -15.57 -39.59
C THR C 201 -3.44 -16.71 -39.94
N TYR C 202 -2.92 -17.93 -39.83
CA TYR C 202 -3.72 -19.13 -40.05
C TYR C 202 -4.62 -19.34 -38.85
N LEU C 203 -4.26 -18.72 -37.74
CA LEU C 203 -5.01 -18.84 -36.52
C LEU C 203 -6.18 -17.86 -36.47
N GLY C 204 -6.21 -16.94 -37.44
CA GLY C 204 -7.29 -15.99 -37.56
C GLY C 204 -6.77 -14.58 -37.80
N TYR C 205 -7.67 -13.60 -37.67
CA TYR C 205 -7.29 -12.20 -37.81
C TYR C 205 -7.15 -11.50 -36.46
N TYR C 206 -5.91 -11.28 -36.04
CA TYR C 206 -5.62 -10.58 -34.80
C TYR C 206 -5.04 -9.20 -35.10
N SER C 207 -5.11 -8.29 -34.13
CA SER C 207 -4.52 -6.97 -34.30
C SER C 207 -3.44 -6.70 -33.25
N LEU C 208 -2.29 -6.26 -33.72
CA LEU C 208 -1.20 -5.86 -32.83
C LEU C 208 -1.13 -4.35 -32.77
N ALA C 209 -1.31 -3.80 -31.58
CA ALA C 209 -1.37 -2.36 -31.44
C ALA C 209 -0.43 -1.86 -30.36
N ILE C 210 -0.22 -0.54 -30.36
CA ILE C 210 0.56 0.15 -29.35
C ILE C 210 -0.24 1.37 -28.88
N VAL C 211 -0.40 1.48 -27.57
CA VAL C 211 -1.23 2.53 -26.97
C VAL C 211 -0.41 3.43 -26.06
N MET C 212 -0.49 4.74 -26.31
CA MET C 212 0.33 5.70 -25.58
C MET C 212 -0.36 7.06 -25.51
N PRO C 213 0.08 7.93 -24.60
CA PRO C 213 -0.46 9.28 -24.48
C PRO C 213 -0.27 10.08 -25.76
N SER C 214 -0.73 11.34 -25.77
CA SER C 214 -0.60 12.19 -26.95
C SER C 214 0.64 13.06 -26.88
N SER C 215 1.16 13.26 -25.66
CA SER C 215 2.37 14.05 -25.48
C SER C 215 3.54 13.42 -26.22
N ARG C 216 3.50 12.10 -26.35
CA ARG C 216 4.59 11.36 -26.99
C ARG C 216 4.19 10.84 -28.36
N ALA C 217 2.95 11.13 -28.76
CA ALA C 217 2.43 10.65 -30.04
C ALA C 217 2.93 11.49 -31.21
N SER C 218 2.50 12.75 -31.24
CA SER C 218 2.89 13.67 -32.29
C SER C 218 4.40 13.66 -32.49
N LYS C 219 5.13 13.56 -31.38
CA LYS C 219 6.59 13.57 -31.41
C LYS C 219 7.12 12.54 -32.40
N GLN C 220 6.69 11.31 -32.24
CA GLN C 220 7.18 10.21 -33.07
C GLN C 220 6.05 9.25 -33.45
N SER C 221 5.42 9.52 -34.59
CA SER C 221 4.32 8.67 -35.07
C SER C 221 4.84 7.63 -36.06
N ASP C 222 5.81 8.05 -36.88
CA ASP C 222 6.32 7.19 -37.94
C ASP C 222 7.13 6.00 -37.42
N LEU C 223 8.23 6.28 -36.73
CA LEU C 223 9.10 5.23 -36.22
C LEU C 223 8.29 4.13 -35.54
N ILE C 224 7.18 4.53 -34.92
CA ILE C 224 6.24 3.57 -34.35
C ILE C 224 5.69 2.69 -35.45
N LYS C 225 4.95 3.30 -36.38
CA LYS C 225 4.32 2.57 -37.47
C LYS C 225 5.29 1.59 -38.14
N LYS C 226 6.51 2.04 -38.37
CA LYS C 226 7.54 1.19 -38.97
C LYS C 226 7.88 0.02 -38.07
N ALA C 227 8.17 0.31 -36.79
CA ALA C 227 8.44 -0.75 -35.83
C ALA C 227 7.35 -1.82 -35.91
N LEU C 228 6.12 -1.38 -35.71
CA LEU C 228 4.95 -2.25 -35.79
C LEU C 228 4.97 -3.09 -37.05
N LEU C 229 5.22 -2.46 -38.19
CA LEU C 229 5.20 -3.17 -39.46
C LEU C 229 6.27 -4.25 -39.53
N GLN C 230 7.46 -3.97 -39.02
CA GLN C 230 8.52 -4.97 -39.05
C GLN C 230 8.17 -6.13 -38.13
N SER C 231 7.62 -5.81 -36.97
CA SER C 231 7.14 -6.83 -36.03
C SER C 231 6.13 -7.73 -36.73
N LYS C 232 5.14 -7.11 -37.35
CA LYS C 232 4.13 -7.82 -38.14
C LYS C 232 4.77 -8.76 -39.14
N LEU C 233 5.78 -8.25 -39.87
CA LEU C 233 6.46 -9.05 -40.87
C LEU C 233 7.10 -10.29 -40.22
N ASN C 234 8.02 -10.05 -39.30
CA ASN C 234 8.70 -11.14 -38.59
C ASN C 234 7.72 -12.19 -38.12
N ILE C 235 6.66 -11.74 -37.46
CA ILE C 235 5.61 -12.65 -36.99
C ILE C 235 5.06 -13.48 -38.14
N GLU C 236 4.55 -12.81 -39.16
CA GLU C 236 3.92 -13.48 -40.29
C GLU C 236 4.91 -14.24 -41.14
N ARG C 237 6.17 -14.28 -40.72
CA ARG C 237 7.15 -15.16 -41.35
C ARG C 237 7.22 -16.47 -40.57
N ALA C 238 6.31 -16.63 -39.60
CA ALA C 238 6.27 -17.80 -38.76
C ALA C 238 4.84 -18.33 -38.60
N ILE C 239 3.87 -17.50 -38.96
CA ILE C 239 2.47 -17.86 -38.80
C ILE C 239 1.56 -17.32 -39.91
N GLY C 240 2.10 -16.44 -40.74
CA GLY C 240 1.35 -15.87 -41.83
C GLY C 240 0.78 -16.94 -42.76
N ARG C 241 0.05 -16.51 -43.78
CA ARG C 241 -0.54 -17.45 -44.73
C ARG C 241 -1.08 -16.74 -45.97
N ILE D 2 -25.80 -26.86 -7.11
CA ILE D 2 -24.70 -26.59 -6.19
C ILE D 2 -23.70 -27.74 -6.17
N GLN D 3 -24.01 -28.80 -6.91
CA GLN D 3 -23.17 -29.99 -6.89
C GLN D 3 -23.18 -30.69 -8.25
N VAL D 4 -23.87 -30.09 -9.20
CA VAL D 4 -23.74 -30.44 -10.61
C VAL D 4 -22.77 -29.42 -11.14
N ILE D 5 -22.56 -28.38 -10.34
CA ILE D 5 -21.66 -27.31 -10.69
C ILE D 5 -20.21 -27.75 -10.56
N ALA D 6 -19.84 -28.35 -9.44
CA ALA D 6 -18.52 -28.96 -9.31
C ALA D 6 -18.19 -29.73 -10.59
N ARG D 7 -19.21 -30.39 -11.14
CA ARG D 7 -19.04 -31.21 -12.33
C ARG D 7 -18.76 -30.35 -13.55
N ALA D 8 -19.68 -29.43 -13.86
CA ALA D 8 -19.51 -28.55 -15.00
C ALA D 8 -18.15 -27.85 -14.96
N ALA D 9 -17.71 -27.49 -13.76
CA ALA D 9 -16.42 -26.87 -13.56
C ALA D 9 -15.35 -27.84 -13.99
N SER D 10 -15.32 -29.02 -13.38
CA SER D 10 -14.36 -30.04 -13.78
C SER D 10 -14.28 -30.11 -15.30
N ILE D 11 -15.44 -29.98 -15.96
CA ILE D 11 -15.47 -30.01 -17.41
C ILE D 11 -14.77 -28.80 -18.01
N MET D 12 -15.10 -27.61 -17.51
CA MET D 12 -14.40 -26.40 -17.91
C MET D 12 -12.90 -26.67 -17.89
N ARG D 13 -12.40 -27.08 -16.72
CA ARG D 13 -11.00 -27.39 -16.53
C ARG D 13 -10.48 -28.33 -17.60
N ALA D 14 -11.20 -29.43 -17.85
CA ALA D 14 -10.81 -30.37 -18.89
C ALA D 14 -10.59 -29.64 -20.21
N LEU D 15 -11.56 -28.81 -20.59
CA LEU D 15 -11.49 -28.06 -21.84
C LEU D 15 -10.34 -27.05 -21.85
N GLY D 16 -9.90 -26.63 -20.66
CA GLY D 16 -8.76 -25.76 -20.55
C GLY D 16 -7.46 -26.53 -20.56
N SER D 17 -7.55 -27.84 -20.35
CA SER D 17 -6.39 -28.72 -20.35
C SER D 17 -6.16 -29.25 -21.74
N HIS D 18 -7.18 -29.16 -22.59
CA HIS D 18 -7.05 -29.62 -23.97
C HIS D 18 -7.68 -28.65 -24.97
N PRO D 19 -7.18 -27.40 -24.97
CA PRO D 19 -7.73 -26.23 -25.68
C PRO D 19 -7.99 -26.48 -27.16
N HIS D 20 -7.33 -27.48 -27.73
CA HIS D 20 -7.48 -27.74 -29.15
C HIS D 20 -8.87 -28.29 -29.47
N GLY D 21 -9.51 -28.89 -28.49
CA GLY D 21 -10.86 -29.40 -28.66
C GLY D 21 -11.06 -30.78 -28.08
N LEU D 22 -12.20 -31.02 -27.44
CA LEU D 22 -12.50 -32.31 -26.86
C LEU D 22 -13.91 -32.82 -27.16
N SER D 23 -14.00 -34.10 -27.51
CA SER D 23 -15.30 -34.75 -27.67
C SER D 23 -15.78 -35.25 -26.32
N LEU D 24 -17.09 -35.36 -26.16
CA LEU D 24 -17.68 -35.73 -24.89
C LEU D 24 -17.20 -37.09 -24.37
N ALA D 25 -16.70 -37.93 -25.27
CA ALA D 25 -16.08 -39.18 -24.87
C ALA D 25 -14.86 -38.88 -24.01
N ALA D 26 -13.90 -38.18 -24.62
CA ALA D 26 -12.66 -37.81 -23.95
C ALA D 26 -12.96 -37.13 -22.61
N ILE D 27 -14.01 -36.31 -22.59
CA ILE D 27 -14.42 -35.64 -21.35
C ILE D 27 -14.87 -36.70 -20.34
N ALA D 28 -15.67 -37.63 -20.81
CA ALA D 28 -16.17 -38.72 -19.99
C ALA D 28 -15.01 -39.48 -19.38
N GLN D 29 -13.87 -39.46 -20.06
CA GLN D 29 -12.69 -40.11 -19.51
C GLN D 29 -11.97 -39.23 -18.49
N LEU D 30 -11.70 -37.98 -18.85
CA LEU D 30 -10.99 -37.06 -17.97
C LEU D 30 -11.72 -36.85 -16.65
N VAL D 31 -13.02 -37.15 -16.65
CA VAL D 31 -13.80 -37.09 -15.42
C VAL D 31 -14.75 -38.29 -15.34
N GLY D 32 -14.84 -38.91 -14.16
CA GLY D 32 -15.64 -40.10 -13.98
C GLY D 32 -17.14 -39.87 -14.03
N LEU D 33 -17.58 -39.15 -15.06
CA LEU D 33 -18.99 -38.85 -15.26
C LEU D 33 -19.49 -39.44 -16.55
N PRO D 34 -20.54 -40.27 -16.47
CA PRO D 34 -21.18 -40.93 -17.61
C PRO D 34 -21.41 -40.02 -18.81
N ARG D 35 -21.39 -40.62 -20.00
CA ARG D 35 -21.48 -39.88 -21.25
C ARG D 35 -22.68 -38.93 -21.29
N SER D 36 -23.86 -39.46 -20.98
CA SER D 36 -25.10 -38.69 -21.08
C SER D 36 -25.06 -37.42 -20.24
N THR D 37 -24.60 -37.53 -19.00
CA THR D 37 -24.50 -36.38 -18.10
C THR D 37 -23.69 -35.29 -18.79
N VAL D 38 -22.49 -35.65 -19.20
CA VAL D 38 -21.62 -34.73 -19.94
C VAL D 38 -22.41 -34.10 -21.08
N GLN D 39 -23.13 -34.94 -21.84
CA GLN D 39 -24.02 -34.45 -22.88
C GLN D 39 -24.83 -33.25 -22.38
N ARG D 40 -25.72 -33.50 -21.42
CA ARG D 40 -26.64 -32.46 -20.96
C ARG D 40 -25.92 -31.21 -20.47
N ILE D 41 -24.96 -31.41 -19.57
CA ILE D 41 -24.23 -30.30 -18.98
C ILE D 41 -23.59 -29.44 -20.05
N ILE D 42 -22.80 -30.07 -20.91
CA ILE D 42 -22.20 -29.38 -22.04
C ILE D 42 -23.26 -28.57 -22.76
N ASN D 43 -24.41 -29.20 -23.05
CA ASN D 43 -25.50 -28.45 -23.69
C ASN D 43 -25.83 -27.15 -22.96
N ALA D 44 -26.09 -27.23 -21.66
CA ALA D 44 -26.41 -26.03 -20.89
C ALA D 44 -25.32 -24.97 -21.07
N LEU D 45 -24.08 -25.37 -20.83
CA LEU D 45 -22.95 -24.47 -20.95
C LEU D 45 -22.90 -23.78 -22.31
N GLU D 46 -23.01 -24.56 -23.38
CA GLU D 46 -23.05 -24.00 -24.72
C GLU D 46 -24.14 -22.95 -24.81
N GLU D 47 -25.30 -23.29 -24.25
CA GLU D 47 -26.45 -22.39 -24.29
C GLU D 47 -26.10 -21.04 -23.65
N GLU D 48 -25.32 -21.07 -22.58
CA GLU D 48 -24.92 -19.80 -21.94
C GLU D 48 -23.63 -19.21 -22.51
N PHE D 49 -23.19 -19.77 -23.63
CA PHE D 49 -21.98 -19.30 -24.31
C PHE D 49 -20.71 -19.53 -23.51
N LEU D 50 -20.76 -20.39 -22.51
CA LEU D 50 -19.55 -20.70 -21.76
C LEU D 50 -18.71 -21.76 -22.47
N VAL D 51 -19.26 -22.30 -23.54
CA VAL D 51 -18.58 -23.30 -24.36
C VAL D 51 -19.00 -23.19 -25.83
N GLU D 52 -18.06 -23.52 -26.73
CA GLU D 52 -18.32 -23.51 -28.17
C GLU D 52 -18.29 -24.92 -28.77
N ALA D 53 -19.09 -25.12 -29.81
CA ALA D 53 -19.05 -26.36 -30.58
C ALA D 53 -17.96 -26.25 -31.65
N LEU D 54 -17.17 -27.30 -31.81
CA LEU D 54 -16.01 -27.27 -32.70
C LEU D 54 -16.38 -27.70 -34.13
N GLY D 55 -17.65 -27.51 -34.49
CA GLY D 55 -18.16 -27.92 -35.78
C GLY D 55 -18.76 -29.31 -35.75
N PRO D 56 -19.34 -29.77 -36.87
CA PRO D 56 -19.88 -31.12 -36.99
C PRO D 56 -18.89 -32.18 -36.52
N ALA D 57 -17.60 -31.87 -36.62
CA ALA D 57 -16.56 -32.74 -36.10
C ALA D 57 -16.60 -32.74 -34.59
N GLY D 58 -16.10 -33.82 -33.99
CA GLY D 58 -16.12 -33.96 -32.54
C GLY D 58 -15.31 -32.89 -31.83
N GLY D 59 -15.99 -32.08 -31.02
CA GLY D 59 -15.30 -31.07 -30.24
C GLY D 59 -16.17 -30.03 -29.52
N PHE D 60 -15.63 -29.52 -28.41
CA PHE D 60 -16.23 -28.43 -27.67
C PHE D 60 -15.13 -27.64 -26.98
N ARG D 61 -14.86 -26.43 -27.48
CA ARG D 61 -13.84 -25.59 -26.85
C ARG D 61 -14.47 -24.68 -25.82
N LEU D 62 -13.67 -23.90 -25.11
CA LEU D 62 -14.22 -22.94 -24.15
C LEU D 62 -14.95 -21.83 -24.91
N GLY D 63 -15.92 -21.20 -24.26
CA GLY D 63 -16.74 -20.21 -24.93
C GLY D 63 -16.29 -18.79 -24.70
N PRO D 64 -16.83 -17.85 -25.50
CA PRO D 64 -16.56 -16.41 -25.44
C PRO D 64 -17.03 -15.79 -24.13
N ALA D 65 -18.05 -16.37 -23.52
CA ALA D 65 -18.62 -15.84 -22.30
C ALA D 65 -17.50 -15.50 -21.31
N LEU D 66 -16.51 -16.38 -21.24
CA LEU D 66 -15.39 -16.18 -20.35
C LEU D 66 -14.81 -14.79 -20.52
N GLY D 67 -14.38 -14.48 -21.74
CA GLY D 67 -13.87 -13.17 -22.06
C GLY D 67 -14.92 -12.08 -21.81
N GLN D 68 -16.16 -12.39 -22.15
CA GLN D 68 -17.25 -11.45 -21.93
C GLN D 68 -17.35 -11.08 -20.45
N LEU D 69 -16.71 -11.86 -19.59
CA LEU D 69 -16.91 -11.76 -18.16
C LEU D 69 -15.78 -11.12 -17.34
N ILE D 70 -14.59 -10.99 -17.91
CA ILE D 70 -13.40 -10.67 -17.10
C ILE D 70 -13.43 -9.41 -16.21
N ASN D 71 -14.33 -8.48 -16.51
CA ASN D 71 -14.53 -7.30 -15.66
C ASN D 71 -13.36 -6.34 -15.41
N GLN D 72 -13.30 -5.84 -14.18
CA GLN D 72 -12.29 -4.86 -13.78
C GLN D 72 -11.13 -5.70 -13.28
N ALA D 73 -10.37 -6.27 -14.21
CA ALA D 73 -9.12 -6.93 -13.89
C ALA D 73 -9.07 -8.03 -12.81
N GLN D 74 -9.56 -9.20 -13.20
CA GLN D 74 -9.31 -10.43 -12.48
C GLN D 74 -7.85 -10.79 -12.70
N THR D 75 -7.14 -9.89 -13.38
CA THR D 75 -5.75 -10.08 -13.73
C THR D 75 -4.90 -8.90 -13.29
N ASP D 76 -4.53 -8.90 -12.02
CA ASP D 76 -3.61 -7.92 -11.47
C ASP D 76 -3.10 -8.45 -10.15
N ILE D 77 -2.06 -9.27 -10.21
CA ILE D 77 -1.51 -9.98 -9.06
C ILE D 77 -1.43 -9.12 -7.80
N LEU D 78 -1.43 -7.81 -7.96
CA LEU D 78 -1.63 -6.93 -6.82
C LEU D 78 -2.93 -7.17 -6.05
N SER D 79 -4.07 -6.87 -6.68
CA SER D 79 -5.38 -7.06 -6.06
C SER D 79 -5.68 -8.54 -5.98
N LEU D 80 -4.84 -9.34 -6.63
CA LEU D 80 -5.05 -10.78 -6.70
C LEU D 80 -4.29 -11.53 -5.60
N VAL D 81 -3.18 -10.96 -5.13
CA VAL D 81 -2.34 -11.66 -4.16
C VAL D 81 -2.33 -10.99 -2.79
N LYS D 82 -2.71 -9.71 -2.76
CA LYS D 82 -2.75 -8.95 -1.51
C LYS D 82 -3.39 -9.74 -0.37
N PRO D 83 -4.53 -10.40 -0.63
CA PRO D 83 -5.17 -11.20 0.42
C PRO D 83 -4.19 -12.16 1.05
N TYR D 84 -3.46 -12.91 0.22
CA TYR D 84 -2.52 -13.92 0.72
C TYR D 84 -1.31 -13.30 1.40
N LEU D 85 -0.93 -12.11 0.94
CA LEU D 85 0.15 -11.38 1.60
C LEU D 85 -0.23 -11.00 3.02
N ARG D 86 -1.36 -10.32 3.16
CA ARG D 86 -1.88 -9.99 4.47
C ARG D 86 -1.99 -11.26 5.31
N SER D 87 -2.40 -12.36 4.69
CA SER D 87 -2.54 -13.63 5.40
C SER D 87 -1.23 -14.05 6.03
N LEU D 88 -0.20 -14.15 5.19
CA LEU D 88 1.12 -14.60 5.63
C LEU D 88 1.73 -13.67 6.68
N ALA D 89 1.69 -12.38 6.39
CA ALA D 89 2.26 -11.36 7.29
C ALA D 89 1.52 -11.33 8.61
N GLU D 90 0.25 -11.69 8.59
CA GLU D 90 -0.55 -11.77 9.80
C GLU D 90 -0.10 -13.00 10.58
N GLU D 91 0.19 -14.07 9.86
CA GLU D 91 0.57 -15.33 10.50
C GLU D 91 1.95 -15.28 11.15
N LEU D 92 2.87 -14.52 10.57
CA LEU D 92 4.26 -14.52 11.05
C LEU D 92 4.72 -13.22 11.75
N ASP D 93 4.06 -12.12 11.44
CA ASP D 93 4.42 -10.80 11.98
C ASP D 93 5.74 -10.30 11.40
N GLU D 94 6.16 -10.91 10.30
CA GLU D 94 7.37 -10.48 9.59
C GLU D 94 6.97 -9.85 8.27
N SER D 95 7.60 -8.74 7.92
CA SER D 95 7.27 -8.05 6.67
C SER D 95 7.40 -8.99 5.46
N VAL D 96 6.48 -8.90 4.52
CA VAL D 96 6.52 -9.78 3.34
C VAL D 96 6.46 -9.00 2.04
N SER D 97 6.75 -9.67 0.93
CA SER D 97 6.81 -9.00 -0.35
C SER D 97 6.60 -9.88 -1.57
N LEU D 98 6.08 -9.26 -2.61
CA LEU D 98 5.87 -9.88 -3.90
C LEU D 98 6.56 -8.99 -4.92
N ALA D 99 7.42 -9.60 -5.74
CA ALA D 99 8.15 -8.86 -6.77
C ALA D 99 8.34 -9.68 -8.05
N SER D 100 8.36 -9.00 -9.19
CA SER D 100 8.57 -9.66 -10.47
C SER D 100 10.06 -9.69 -10.83
N LEU D 101 10.38 -10.26 -11.98
CA LEU D 101 11.78 -10.28 -12.42
C LEU D 101 12.00 -9.54 -13.73
N ALA D 102 12.92 -8.58 -13.69
CA ALA D 102 13.27 -7.79 -14.87
C ALA D 102 14.77 -7.92 -15.12
N GLY D 103 15.14 -8.97 -15.86
CA GLY D 103 16.55 -9.18 -16.19
C GLY D 103 17.41 -9.47 -14.97
N ASP D 104 18.12 -8.46 -14.50
CA ASP D 104 19.02 -8.62 -13.36
C ASP D 104 18.51 -7.88 -12.12
N LYS D 105 17.32 -7.28 -12.25
CA LYS D 105 16.73 -6.55 -11.14
C LYS D 105 15.28 -6.95 -10.93
N ILE D 106 14.93 -7.28 -9.69
CA ILE D 106 13.54 -7.59 -9.36
C ILE D 106 12.78 -6.31 -9.01
N TYR D 107 11.52 -6.26 -9.41
CA TYR D 107 10.69 -5.08 -9.18
C TYR D 107 9.81 -5.37 -7.96
N VAL D 108 10.00 -4.60 -6.90
CA VAL D 108 9.20 -4.73 -5.70
C VAL D 108 7.77 -4.29 -6.02
N LEU D 109 6.94 -5.25 -6.41
CA LEU D 109 5.58 -4.96 -6.79
C LEU D 109 4.76 -4.50 -5.60
N ASP D 110 4.90 -5.19 -4.47
CA ASP D 110 4.23 -4.76 -3.25
C ASP D 110 4.76 -5.46 -2.01
N ARG D 111 4.54 -4.87 -0.84
CA ARG D 111 4.99 -5.46 0.41
C ARG D 111 4.02 -5.12 1.54
N ILE D 112 4.19 -5.81 2.67
CA ILE D 112 3.49 -5.48 3.90
C ILE D 112 4.53 -5.38 5.00
N VAL D 113 4.50 -4.29 5.75
CA VAL D 113 5.45 -4.10 6.84
C VAL D 113 4.83 -4.49 8.19
N SER D 114 5.58 -5.26 8.98
CA SER D 114 5.14 -5.61 10.32
C SER D 114 5.38 -4.45 11.26
N GLU D 115 4.56 -4.33 12.30
CA GLU D 115 4.67 -3.22 13.23
C GLU D 115 5.50 -3.59 14.46
N ARG D 116 6.46 -4.51 14.27
CA ARG D 116 7.31 -4.95 15.37
C ARG D 116 8.28 -3.84 15.77
N GLU D 117 8.74 -3.90 17.02
CA GLU D 117 9.69 -2.91 17.51
C GLU D 117 10.94 -2.95 16.65
N LEU D 118 11.34 -4.16 16.27
CA LEU D 118 12.50 -4.34 15.40
C LEU D 118 12.05 -4.67 13.98
N ARG D 119 11.94 -3.64 13.15
CA ARG D 119 11.33 -3.80 11.83
C ARG D 119 12.29 -3.60 10.67
N VAL D 120 11.90 -4.12 9.51
CA VAL D 120 12.67 -3.99 8.28
C VAL D 120 11.82 -3.32 7.20
N VAL D 121 12.15 -2.08 6.87
CA VAL D 121 11.34 -1.32 5.92
C VAL D 121 12.07 -1.15 4.58
N PHE D 122 11.31 -1.17 3.49
CA PHE D 122 11.89 -0.93 2.18
C PHE D 122 10.85 -0.43 1.18
N PRO D 123 11.29 0.31 0.16
CA PRO D 123 10.42 0.96 -0.82
C PRO D 123 9.58 0.00 -1.66
N ILE D 124 8.70 0.57 -2.48
CA ILE D 124 7.90 -0.19 -3.43
C ILE D 124 8.04 0.50 -4.78
N GLY D 125 8.49 -0.26 -5.79
CA GLY D 125 8.79 0.30 -7.10
C GLY D 125 10.30 0.40 -7.31
N ILE D 126 11.05 0.27 -6.23
CA ILE D 126 12.50 0.28 -6.27
C ILE D 126 13.02 -0.93 -7.03
N ASN D 127 13.92 -0.70 -7.98
CA ASN D 127 14.60 -1.78 -8.67
C ASN D 127 15.85 -2.19 -7.89
N VAL D 128 15.89 -3.45 -7.47
CA VAL D 128 17.02 -3.92 -6.67
C VAL D 128 17.69 -5.12 -7.35
N PRO D 129 18.96 -5.37 -7.00
CA PRO D 129 19.76 -6.44 -7.62
C PRO D 129 19.19 -7.83 -7.31
N ALA D 130 19.07 -8.66 -8.33
CA ALA D 130 18.47 -9.98 -8.20
C ALA D 130 19.36 -10.93 -7.39
N ALA D 131 20.57 -11.16 -7.89
CA ALA D 131 21.50 -12.08 -7.23
C ALA D 131 21.71 -11.73 -5.75
N ALA D 132 21.26 -10.55 -5.35
CA ALA D 132 21.50 -10.07 -4.00
C ALA D 132 20.43 -10.53 -2.99
N THR D 133 19.19 -10.64 -3.45
CA THR D 133 18.07 -10.99 -2.58
C THR D 133 17.56 -12.42 -2.82
N ALA D 134 16.81 -12.95 -1.85
CA ALA D 134 16.27 -14.30 -1.97
C ALA D 134 15.16 -14.36 -3.02
N ALA D 135 14.28 -13.37 -2.99
CA ALA D 135 13.23 -13.22 -3.99
C ALA D 135 13.86 -13.32 -5.37
N GLY D 136 14.90 -12.52 -5.57
CA GLY D 136 15.71 -12.64 -6.76
C GLY D 136 16.07 -14.08 -7.01
N LYS D 137 16.90 -14.66 -6.15
CA LYS D 137 17.38 -16.04 -6.31
C LYS D 137 16.31 -16.97 -6.88
N VAL D 138 15.16 -17.00 -6.20
CA VAL D 138 14.04 -17.83 -6.63
C VAL D 138 13.58 -17.46 -8.04
N LEU D 139 13.40 -16.18 -8.30
CA LEU D 139 13.05 -15.73 -9.64
C LEU D 139 14.09 -16.16 -10.68
N LEU D 140 15.31 -16.42 -10.21
CA LEU D 140 16.44 -16.72 -11.07
C LEU D 140 16.52 -18.19 -11.44
N ALA D 141 16.30 -19.06 -10.46
CA ALA D 141 16.26 -20.48 -10.74
C ALA D 141 15.20 -20.78 -11.79
N ALA D 142 14.09 -20.05 -11.74
CA ALA D 142 12.96 -20.26 -12.64
C ALA D 142 13.31 -20.04 -14.10
N LEU D 143 14.46 -19.41 -14.35
CA LEU D 143 14.87 -19.08 -15.70
C LEU D 143 15.59 -20.24 -16.38
N PRO D 144 15.65 -20.22 -17.73
CA PRO D 144 16.39 -21.20 -18.53
C PRO D 144 17.89 -20.90 -18.54
N ASP D 145 18.72 -21.94 -18.66
CA ASP D 145 20.16 -21.76 -18.77
C ASP D 145 20.46 -20.73 -19.84
N GLU D 146 19.55 -20.62 -20.80
CA GLU D 146 19.66 -19.67 -21.89
C GLU D 146 19.58 -18.22 -21.39
N THR D 147 18.44 -17.85 -20.81
CA THR D 147 18.22 -16.48 -20.35
C THR D 147 18.95 -16.19 -19.04
N LEU D 148 19.49 -17.23 -18.42
CA LEU D 148 20.23 -17.09 -17.18
C LEU D 148 21.35 -16.08 -17.31
N GLN D 149 22.20 -16.29 -18.31
CA GLN D 149 23.38 -15.47 -18.50
C GLN D 149 23.03 -14.04 -18.87
N ALA D 150 21.85 -13.86 -19.48
CA ALA D 150 21.36 -12.52 -19.80
C ALA D 150 21.11 -11.73 -18.52
N ALA D 151 21.04 -12.45 -17.41
CA ALA D 151 20.88 -11.83 -16.09
C ALA D 151 22.21 -11.78 -15.36
N LEU D 152 22.89 -12.92 -15.28
CA LEU D 152 24.20 -12.99 -14.64
C LEU D 152 25.28 -12.55 -15.61
N GLY D 153 25.40 -11.25 -15.81
CA GLY D 153 26.28 -10.70 -16.83
C GLY D 153 27.69 -10.32 -16.45
N GLU D 154 28.64 -11.20 -16.74
CA GLU D 154 30.06 -10.94 -16.54
C GLU D 154 30.54 -10.88 -15.10
N GLN D 155 29.99 -9.97 -14.30
CA GLN D 155 30.40 -9.83 -12.91
C GLN D 155 29.24 -9.27 -12.09
N LEU D 156 29.03 -9.86 -10.91
CA LEU D 156 27.94 -9.45 -10.03
C LEU D 156 28.34 -8.24 -9.18
N PRO D 157 27.46 -7.23 -9.15
CA PRO D 157 27.68 -6.02 -8.34
C PRO D 157 27.54 -6.30 -6.86
N VAL D 158 28.67 -6.46 -6.17
CA VAL D 158 28.66 -6.81 -4.74
C VAL D 158 28.08 -5.69 -3.88
N LEU D 159 27.44 -6.07 -2.77
CA LEU D 159 26.75 -5.10 -1.91
C LEU D 159 27.20 -5.15 -0.45
N THR D 160 27.83 -6.25 -0.03
CA THR D 160 28.38 -6.36 1.32
C THR D 160 29.60 -7.27 1.34
N SER D 161 29.86 -7.87 2.50
CA SER D 161 30.95 -8.81 2.67
C SER D 161 30.42 -10.24 2.71
N ASN D 162 29.11 -10.38 2.56
CA ASN D 162 28.47 -11.69 2.51
C ASN D 162 27.90 -12.00 1.13
N THR D 163 27.73 -10.96 0.33
CA THR D 163 27.20 -11.11 -1.03
C THR D 163 28.01 -12.15 -1.80
N LEU D 164 27.34 -12.89 -2.68
CA LEU D 164 27.98 -14.00 -3.38
C LEU D 164 28.46 -13.65 -4.79
N GLY D 165 29.42 -14.43 -5.27
CA GLY D 165 29.92 -14.30 -6.62
C GLY D 165 29.34 -15.38 -7.52
N ARG D 166 29.56 -15.24 -8.83
CA ARG D 166 28.94 -16.14 -9.81
C ARG D 166 29.32 -17.61 -9.61
N LYS D 167 30.44 -17.87 -8.94
CA LYS D 167 30.89 -19.24 -8.76
C LYS D 167 30.33 -19.89 -7.49
N ALA D 168 29.56 -19.12 -6.73
CA ALA D 168 28.90 -19.63 -5.54
C ALA D 168 27.39 -19.50 -5.71
N LEU D 169 26.97 -18.44 -6.38
CA LEU D 169 25.56 -18.24 -6.68
C LEU D 169 24.96 -19.48 -7.31
N VAL D 170 25.43 -19.83 -8.51
CA VAL D 170 24.95 -20.99 -9.23
C VAL D 170 24.88 -22.23 -8.32
N LYS D 171 25.94 -22.42 -7.54
CA LYS D 171 25.98 -23.48 -6.53
C LYS D 171 24.66 -23.51 -5.76
N GLN D 172 24.31 -22.38 -5.16
CA GLN D 172 23.03 -22.26 -4.47
C GLN D 172 21.87 -22.58 -5.41
N LEU D 173 21.85 -21.93 -6.56
CA LEU D 173 20.75 -22.04 -7.51
C LEU D 173 20.34 -23.47 -7.83
N SER D 174 21.32 -24.35 -8.02
CA SER D 174 20.99 -25.74 -8.33
C SER D 174 20.16 -26.40 -7.24
N GLU D 175 20.14 -25.80 -6.05
CA GLU D 175 19.41 -26.35 -4.93
C GLU D 175 17.99 -25.82 -4.80
N VAL D 176 17.78 -24.58 -5.23
CA VAL D 176 16.45 -23.96 -5.13
C VAL D 176 15.50 -24.51 -6.18
N ARG D 177 15.93 -25.53 -6.91
CA ARG D 177 15.05 -26.25 -7.81
C ARG D 177 14.76 -27.64 -7.23
N GLN D 178 15.44 -27.96 -6.14
CA GLN D 178 15.21 -29.21 -5.42
C GLN D 178 14.25 -28.97 -4.26
N SER D 179 14.42 -27.84 -3.59
CA SER D 179 13.56 -27.47 -2.46
C SER D 179 12.50 -26.46 -2.89
N GLY D 180 12.93 -25.49 -3.70
CA GLY D 180 12.02 -24.48 -4.22
C GLY D 180 12.03 -23.19 -3.43
N VAL D 181 12.64 -23.22 -2.25
CA VAL D 181 12.74 -22.03 -1.41
C VAL D 181 14.16 -21.48 -1.40
N ALA D 182 14.29 -20.18 -1.63
CA ALA D 182 15.59 -19.52 -1.64
C ALA D 182 15.82 -18.76 -0.35
N SER D 183 17.09 -18.50 -0.05
CA SER D 183 17.47 -17.86 1.20
C SER D 183 18.62 -16.89 0.99
N ASP D 184 18.47 -15.67 1.50
CA ASP D 184 19.59 -14.73 1.51
C ASP D 184 19.90 -14.28 2.94
N LEU D 185 21.10 -14.59 3.40
CA LEU D 185 21.54 -14.23 4.74
C LEU D 185 22.53 -13.07 4.69
N ASP D 186 22.01 -11.85 4.85
CA ASP D 186 22.83 -10.64 4.83
C ASP D 186 23.50 -10.43 3.48
N GLU D 187 23.12 -11.24 2.50
CA GLU D 187 23.72 -11.19 1.17
C GLU D 187 23.22 -9.98 0.37
N HIS D 188 22.60 -9.04 1.07
CA HIS D 188 22.17 -7.78 0.47
C HIS D 188 22.41 -6.65 1.47
N ILE D 189 21.90 -6.83 2.68
CA ILE D 189 22.05 -5.82 3.73
C ILE D 189 22.42 -6.44 5.08
N ASP D 190 23.44 -5.86 5.71
CA ASP D 190 23.96 -6.40 6.98
C ASP D 190 22.90 -6.46 8.07
N GLY D 191 22.69 -7.65 8.62
CA GLY D 191 21.72 -7.84 9.68
C GLY D 191 20.34 -8.21 9.16
N VAL D 192 20.22 -8.29 7.83
CA VAL D 192 18.93 -8.53 7.19
C VAL D 192 18.94 -9.80 6.34
N SER D 193 18.09 -10.75 6.71
CA SER D 193 17.91 -11.97 5.94
C SER D 193 16.53 -12.00 5.31
N SER D 194 16.36 -12.82 4.27
CA SER D 194 15.05 -13.00 3.64
C SER D 194 14.89 -14.40 3.08
N PHE D 195 13.66 -14.92 3.20
CA PHE D 195 13.34 -16.25 2.70
C PHE D 195 12.26 -16.16 1.63
N ALA D 196 12.55 -16.67 0.44
CA ALA D 196 11.60 -16.53 -0.66
C ALA D 196 11.16 -17.88 -1.24
N THR D 197 10.10 -17.83 -2.02
CA THR D 197 9.70 -18.96 -2.85
C THR D 197 8.98 -18.49 -4.11
N LEU D 198 8.90 -19.40 -5.07
CA LEU D 198 8.41 -19.07 -6.40
C LEU D 198 6.91 -19.24 -6.53
N LEU D 199 6.29 -18.32 -7.24
CA LEU D 199 4.87 -18.41 -7.52
C LEU D 199 4.68 -18.56 -9.01
N ASP D 200 4.31 -19.76 -9.43
CA ASP D 200 4.14 -20.05 -10.85
C ASP D 200 2.70 -19.84 -11.29
N THR D 201 2.34 -18.60 -11.57
CA THR D 201 0.95 -18.25 -11.90
C THR D 201 0.64 -18.37 -13.39
N TYR D 202 -0.64 -18.21 -13.74
CA TYR D 202 -1.04 -18.18 -15.13
C TYR D 202 -0.63 -16.84 -15.72
N LEU D 203 -0.30 -15.90 -14.85
CA LEU D 203 0.21 -14.61 -15.27
C LEU D 203 1.72 -14.65 -15.47
N GLY D 204 2.39 -15.53 -14.75
CA GLY D 204 3.82 -15.74 -14.92
C GLY D 204 4.52 -16.30 -13.70
N TYR D 205 5.74 -15.83 -13.46
CA TYR D 205 6.48 -16.20 -12.27
C TYR D 205 6.62 -14.97 -11.40
N TYR D 206 6.41 -15.13 -10.10
CA TYR D 206 6.62 -14.03 -9.17
C TYR D 206 7.35 -14.52 -7.93
N SER D 207 7.87 -13.59 -7.14
CA SER D 207 8.63 -13.95 -5.96
C SER D 207 7.89 -13.53 -4.70
N LEU D 208 7.68 -14.49 -3.80
CA LEU D 208 7.05 -14.22 -2.51
C LEU D 208 8.03 -14.47 -1.37
N ALA D 209 8.35 -13.42 -0.62
CA ALA D 209 9.40 -13.53 0.39
C ALA D 209 9.05 -12.90 1.74
N ILE D 210 9.70 -13.42 2.78
CA ILE D 210 9.67 -12.84 4.11
C ILE D 210 10.99 -12.11 4.35
N VAL D 211 10.89 -10.83 4.66
CA VAL D 211 12.07 -10.01 4.92
C VAL D 211 12.17 -9.75 6.42
N MET D 212 13.30 -10.08 7.02
CA MET D 212 13.40 -10.01 8.48
C MET D 212 14.81 -9.74 8.98
N PRO D 213 14.94 -9.37 10.27
CA PRO D 213 16.21 -9.17 10.95
C PRO D 213 16.88 -10.50 11.28
N SER D 214 18.07 -10.73 10.72
CA SER D 214 18.76 -12.01 10.88
C SER D 214 18.75 -12.51 12.33
N SER D 215 18.68 -11.56 13.26
CA SER D 215 18.50 -11.88 14.67
C SER D 215 17.41 -12.93 14.83
N ARG D 216 16.16 -12.53 14.60
CA ARG D 216 15.03 -13.44 14.68
C ARG D 216 15.15 -14.59 13.68
N ALA D 217 15.83 -14.33 12.56
CA ALA D 217 15.95 -15.32 11.49
C ALA D 217 16.68 -16.58 11.96
N SER D 218 17.65 -16.41 12.84
CA SER D 218 18.38 -17.54 13.40
C SER D 218 17.42 -18.49 14.12
N LYS D 219 16.61 -17.95 15.02
CA LYS D 219 15.67 -18.74 15.80
C LYS D 219 14.65 -19.43 14.92
N GLN D 220 13.78 -18.63 14.30
CA GLN D 220 12.71 -19.15 13.47
C GLN D 220 13.17 -19.43 12.04
N SER D 221 13.13 -20.69 11.64
CA SER D 221 13.52 -21.09 10.29
C SER D 221 12.56 -22.13 9.72
N ASP D 222 12.61 -23.33 10.28
CA ASP D 222 11.73 -24.42 9.87
C ASP D 222 10.30 -23.93 9.65
N LEU D 223 9.71 -23.41 10.73
CA LEU D 223 8.34 -22.92 10.70
C LEU D 223 8.08 -21.93 9.56
N ILE D 224 9.00 -20.98 9.38
CA ILE D 224 8.85 -19.96 8.35
C ILE D 224 8.89 -20.57 6.95
N LYS D 225 9.84 -21.48 6.72
CA LYS D 225 9.94 -22.13 5.43
C LYS D 225 8.66 -22.90 5.12
N LYS D 226 8.26 -23.76 6.05
CA LYS D 226 7.03 -24.53 5.88
C LYS D 226 5.85 -23.61 5.60
N ALA D 227 5.85 -22.46 6.28
CA ALA D 227 4.81 -21.45 6.08
C ALA D 227 4.79 -20.98 4.62
N LEU D 228 5.85 -20.28 4.24
CA LEU D 228 5.98 -19.80 2.87
C LEU D 228 5.55 -20.87 1.87
N LEU D 229 5.90 -22.12 2.16
CA LEU D 229 5.56 -23.21 1.25
C LEU D 229 4.06 -23.46 1.21
N GLN D 230 3.42 -23.41 2.37
CA GLN D 230 1.98 -23.57 2.45
C GLN D 230 1.30 -22.44 1.67
N SER D 231 1.63 -21.19 2.00
CA SER D 231 1.13 -20.06 1.23
C SER D 231 1.31 -20.30 -0.26
N LYS D 232 2.46 -20.85 -0.62
CA LYS D 232 2.74 -21.15 -2.02
C LYS D 232 1.69 -22.09 -2.58
N LEU D 233 1.42 -23.19 -1.88
CA LEU D 233 0.46 -24.17 -2.38
C LEU D 233 -0.95 -23.59 -2.48
N ASN D 234 -1.33 -22.76 -1.52
CA ASN D 234 -2.62 -22.07 -1.56
C ASN D 234 -2.78 -21.20 -2.79
N ILE D 235 -1.94 -20.17 -2.89
CA ILE D 235 -1.95 -19.28 -4.04
C ILE D 235 -1.88 -20.07 -5.35
N GLU D 236 -1.01 -21.07 -5.40
CA GLU D 236 -0.82 -21.90 -6.58
C GLU D 236 -2.12 -22.58 -6.98
N ARG D 237 -2.83 -23.10 -5.98
CA ARG D 237 -4.10 -23.78 -6.21
C ARG D 237 -5.15 -22.79 -6.71
N ALA D 238 -5.07 -21.56 -6.23
CA ALA D 238 -6.08 -20.55 -6.56
C ALA D 238 -5.79 -19.83 -7.88
N ILE D 239 -4.53 -19.77 -8.29
CA ILE D 239 -4.16 -18.92 -9.43
C ILE D 239 -2.99 -19.42 -10.27
N GLY D 240 -2.44 -20.57 -9.89
CA GLY D 240 -1.34 -21.16 -10.63
C GLY D 240 -1.86 -21.68 -11.97
N ARG D 241 -1.00 -22.30 -12.75
CA ARG D 241 -1.42 -22.87 -14.02
C ARG D 241 -1.15 -24.35 -14.27
#